data_1PTR
# 
_entry.id   1PTR 
# 
_audit_conform.dict_name       mmcif_pdbx.dic 
_audit_conform.dict_version    5.386 
_audit_conform.dict_location   http://mmcif.pdb.org/dictionaries/ascii/mmcif_pdbx.dic 
# 
loop_
_database_2.database_id 
_database_2.database_code 
_database_2.pdbx_database_accession 
_database_2.pdbx_DOI 
PDB   1PTR         pdb_00001ptr 10.2210/pdb1ptr/pdb 
WWPDB D_1000175851 ?            ?                   
# 
loop_
_pdbx_audit_revision_history.ordinal 
_pdbx_audit_revision_history.data_content_type 
_pdbx_audit_revision_history.major_revision 
_pdbx_audit_revision_history.minor_revision 
_pdbx_audit_revision_history.revision_date 
1 'Structure model' 1 0 1995-07-31 
2 'Structure model' 1 1 2008-03-24 
3 'Structure model' 1 2 2011-07-13 
4 'Structure model' 1 3 2024-02-14 
# 
_pdbx_audit_revision_details.ordinal             1 
_pdbx_audit_revision_details.revision_ordinal    1 
_pdbx_audit_revision_details.data_content_type   'Structure model' 
_pdbx_audit_revision_details.provider            repository 
_pdbx_audit_revision_details.type                'Initial release' 
_pdbx_audit_revision_details.description         ? 
_pdbx_audit_revision_details.details             ? 
# 
loop_
_pdbx_audit_revision_group.ordinal 
_pdbx_audit_revision_group.revision_ordinal 
_pdbx_audit_revision_group.data_content_type 
_pdbx_audit_revision_group.group 
1 2 'Structure model' 'Version format compliance' 
2 3 'Structure model' 'Version format compliance' 
3 4 'Structure model' 'Data collection'           
4 4 'Structure model' 'Database references'       
5 4 'Structure model' 'Derived calculations'      
6 4 'Structure model' Other                       
# 
loop_
_pdbx_audit_revision_category.ordinal 
_pdbx_audit_revision_category.revision_ordinal 
_pdbx_audit_revision_category.data_content_type 
_pdbx_audit_revision_category.category 
1 4 'Structure model' chem_comp_atom         
2 4 'Structure model' chem_comp_bond         
3 4 'Structure model' database_2             
4 4 'Structure model' pdbx_database_status   
5 4 'Structure model' pdbx_struct_conn_angle 
6 4 'Structure model' struct_conn            
7 4 'Structure model' struct_site            
# 
loop_
_pdbx_audit_revision_item.ordinal 
_pdbx_audit_revision_item.revision_ordinal 
_pdbx_audit_revision_item.data_content_type 
_pdbx_audit_revision_item.item 
1  4 'Structure model' '_database_2.pdbx_DOI'                       
2  4 'Structure model' '_database_2.pdbx_database_accession'        
3  4 'Structure model' '_pdbx_database_status.process_site'         
4  4 'Structure model' '_pdbx_struct_conn_angle.ptnr1_auth_seq_id'  
5  4 'Structure model' '_pdbx_struct_conn_angle.ptnr1_label_seq_id' 
6  4 'Structure model' '_pdbx_struct_conn_angle.ptnr3_auth_seq_id'  
7  4 'Structure model' '_pdbx_struct_conn_angle.ptnr3_label_seq_id' 
8  4 'Structure model' '_pdbx_struct_conn_angle.value'              
9  4 'Structure model' '_struct_conn.pdbx_dist_value'               
10 4 'Structure model' '_struct_conn.ptnr2_auth_seq_id'             
11 4 'Structure model' '_struct_conn.ptnr2_label_seq_id'            
12 4 'Structure model' '_struct_site.pdbx_auth_asym_id'             
13 4 'Structure model' '_struct_site.pdbx_auth_comp_id'             
14 4 'Structure model' '_struct_site.pdbx_auth_seq_id'              
# 
_pdbx_database_status.status_code                     REL 
_pdbx_database_status.entry_id                        1PTR 
_pdbx_database_status.recvd_initial_deposition_date   1995-05-11 
_pdbx_database_status.deposit_site                    ? 
_pdbx_database_status.process_site                    BNL 
_pdbx_database_status.SG_entry                        . 
_pdbx_database_status.pdb_format_compatible           Y 
_pdbx_database_status.status_code_mr                  ? 
_pdbx_database_status.status_code_sf                  ? 
_pdbx_database_status.status_code_cs                  ? 
_pdbx_database_status.status_code_nmr_data            ? 
_pdbx_database_status.methods_development_category    ? 
# 
loop_
_audit_author.name 
_audit_author.pdbx_ordinal 
'Zhang, G.'    1 
'Hurley, J.H.' 2 
# 
_citation.id                        primary 
_citation.title                     
'Crystal structure of the cys2 activator-binding domain of protein kinase C delta in complex with phorbol ester.' 
_citation.journal_abbrev            'Cell(Cambridge,Mass.)' 
_citation.journal_volume            81 
_citation.page_first                917 
_citation.page_last                 924 
_citation.year                      1995 
_citation.journal_id_ASTM           CELLB5 
_citation.country                   US 
_citation.journal_id_ISSN           0092-8674 
_citation.journal_id_CSD            0998 
_citation.book_publisher            ? 
_citation.pdbx_database_id_PubMed   7781068 
_citation.pdbx_database_id_DOI      '10.1016/0092-8674(95)90011-X' 
# 
loop_
_citation_author.citation_id 
_citation_author.name 
_citation_author.ordinal 
_citation_author.identifier_ORCID 
primary 'Zhang, G.'       1 ? 
primary 'Kazanietz, M.G.' 2 ? 
primary 'Blumberg, P.M.'  3 ? 
primary 'Hurley, J.H.'    4 ? 
# 
loop_
_entity.id 
_entity.type 
_entity.src_method 
_entity.pdbx_description 
_entity.formula_weight 
_entity.pdbx_number_of_molecules 
_entity.pdbx_ec 
_entity.pdbx_mutation 
_entity.pdbx_fragment 
_entity.details 
1 polymer     man 'PROTEIN KINASE C DELTA TYPE' 5811.855 1 2.7.1.- ? ? ? 
2 non-polymer syn 'ZINC ION'                    65.409   2 ?       ? ? ? 
3 non-polymer syn 13-ACETYLPHORBOL              406.469  1 ?       ? ? ? 
# 
_entity_poly.entity_id                      1 
_entity_poly.type                           'polypeptide(L)' 
_entity_poly.nstd_linkage                   no 
_entity_poly.nstd_monomer                   no 
_entity_poly.pdbx_seq_one_letter_code       HRFKVYNYMSPTFCDHCGSLLWGLVKQGLKCEDCGMNVHHKCREKVANLC 
_entity_poly.pdbx_seq_one_letter_code_can   HRFKVYNYMSPTFCDHCGSLLWGLVKQGLKCEDCGMNVHHKCREKVANLC 
_entity_poly.pdbx_strand_id                 A 
_entity_poly.pdbx_target_identifier         ? 
# 
loop_
_pdbx_entity_nonpoly.entity_id 
_pdbx_entity_nonpoly.name 
_pdbx_entity_nonpoly.comp_id 
2 'ZINC ION'       ZN  
3 13-ACETYLPHORBOL PRB 
# 
loop_
_entity_poly_seq.entity_id 
_entity_poly_seq.num 
_entity_poly_seq.mon_id 
_entity_poly_seq.hetero 
1 1  HIS n 
1 2  ARG n 
1 3  PHE n 
1 4  LYS n 
1 5  VAL n 
1 6  TYR n 
1 7  ASN n 
1 8  TYR n 
1 9  MET n 
1 10 SER n 
1 11 PRO n 
1 12 THR n 
1 13 PHE n 
1 14 CYS n 
1 15 ASP n 
1 16 HIS n 
1 17 CYS n 
1 18 GLY n 
1 19 SER n 
1 20 LEU n 
1 21 LEU n 
1 22 TRP n 
1 23 GLY n 
1 24 LEU n 
1 25 VAL n 
1 26 LYS n 
1 27 GLN n 
1 28 GLY n 
1 29 LEU n 
1 30 LYS n 
1 31 CYS n 
1 32 GLU n 
1 33 ASP n 
1 34 CYS n 
1 35 GLY n 
1 36 MET n 
1 37 ASN n 
1 38 VAL n 
1 39 HIS n 
1 40 HIS n 
1 41 LYS n 
1 42 CYS n 
1 43 ARG n 
1 44 GLU n 
1 45 LYS n 
1 46 VAL n 
1 47 ALA n 
1 48 ASN n 
1 49 LEU n 
1 50 CYS n 
# 
_entity_src_gen.entity_id                          1 
_entity_src_gen.pdbx_src_id                        1 
_entity_src_gen.pdbx_alt_source_flag               sample 
_entity_src_gen.pdbx_seq_type                      ? 
_entity_src_gen.pdbx_beg_seq_num                   ? 
_entity_src_gen.pdbx_end_seq_num                   ? 
_entity_src_gen.gene_src_common_name               'house mouse' 
_entity_src_gen.gene_src_genus                     Mus 
_entity_src_gen.pdbx_gene_src_gene                 ? 
_entity_src_gen.gene_src_species                   ? 
_entity_src_gen.gene_src_strain                    ? 
_entity_src_gen.gene_src_tissue                    ? 
_entity_src_gen.gene_src_tissue_fraction           ? 
_entity_src_gen.gene_src_details                   ? 
_entity_src_gen.pdbx_gene_src_fragment             ? 
_entity_src_gen.pdbx_gene_src_scientific_name      'Mus musculus' 
_entity_src_gen.pdbx_gene_src_ncbi_taxonomy_id     10090 
_entity_src_gen.pdbx_gene_src_variant              ? 
_entity_src_gen.pdbx_gene_src_cell_line            ? 
_entity_src_gen.pdbx_gene_src_atcc                 ? 
_entity_src_gen.pdbx_gene_src_organ                ? 
_entity_src_gen.pdbx_gene_src_organelle            ? 
_entity_src_gen.pdbx_gene_src_cell                 ? 
_entity_src_gen.pdbx_gene_src_cellular_location    ? 
_entity_src_gen.host_org_common_name               ? 
_entity_src_gen.pdbx_host_org_scientific_name      'Escherichia coli' 
_entity_src_gen.pdbx_host_org_ncbi_taxonomy_id     562 
_entity_src_gen.host_org_genus                     Escherichia 
_entity_src_gen.pdbx_host_org_gene                 ? 
_entity_src_gen.pdbx_host_org_organ                ? 
_entity_src_gen.host_org_species                   ? 
_entity_src_gen.pdbx_host_org_tissue               ? 
_entity_src_gen.pdbx_host_org_tissue_fraction      ? 
_entity_src_gen.pdbx_host_org_strain               ? 
_entity_src_gen.pdbx_host_org_variant              ? 
_entity_src_gen.pdbx_host_org_cell_line            ? 
_entity_src_gen.pdbx_host_org_atcc                 ? 
_entity_src_gen.pdbx_host_org_culture_collection   ? 
_entity_src_gen.pdbx_host_org_cell                 ? 
_entity_src_gen.pdbx_host_org_organelle            ? 
_entity_src_gen.pdbx_host_org_cellular_location    ? 
_entity_src_gen.pdbx_host_org_vector_type          ? 
_entity_src_gen.pdbx_host_org_vector               ? 
_entity_src_gen.host_org_details                   ? 
_entity_src_gen.expression_system_id               ? 
_entity_src_gen.plasmid_name                       ? 
_entity_src_gen.plasmid_details                    ? 
_entity_src_gen.pdbx_description                   ? 
# 
loop_
_chem_comp.id 
_chem_comp.type 
_chem_comp.mon_nstd_flag 
_chem_comp.name 
_chem_comp.pdbx_synonyms 
_chem_comp.formula 
_chem_comp.formula_weight 
ALA 'L-peptide linking' y ALANINE          ? 'C3 H7 N O2'     89.093  
ARG 'L-peptide linking' y ARGININE         ? 'C6 H15 N4 O2 1' 175.209 
ASN 'L-peptide linking' y ASPARAGINE       ? 'C4 H8 N2 O3'    132.118 
ASP 'L-peptide linking' y 'ASPARTIC ACID'  ? 'C4 H7 N O4'     133.103 
CYS 'L-peptide linking' y CYSTEINE         ? 'C3 H7 N O2 S'   121.158 
GLN 'L-peptide linking' y GLUTAMINE        ? 'C5 H10 N2 O3'   146.144 
GLU 'L-peptide linking' y 'GLUTAMIC ACID'  ? 'C5 H9 N O4'     147.129 
GLY 'peptide linking'   y GLYCINE          ? 'C2 H5 N O2'     75.067  
HIS 'L-peptide linking' y HISTIDINE        ? 'C6 H10 N3 O2 1' 156.162 
LEU 'L-peptide linking' y LEUCINE          ? 'C6 H13 N O2'    131.173 
LYS 'L-peptide linking' y LYSINE           ? 'C6 H15 N2 O2 1' 147.195 
MET 'L-peptide linking' y METHIONINE       ? 'C5 H11 N O2 S'  149.211 
PHE 'L-peptide linking' y PHENYLALANINE    ? 'C9 H11 N O2'    165.189 
PRB non-polymer         . 13-ACETYLPHORBOL ? 'C22 H30 O7'     406.469 
PRO 'L-peptide linking' y PROLINE          ? 'C5 H9 N O2'     115.130 
SER 'L-peptide linking' y SERINE           ? 'C3 H7 N O3'     105.093 
THR 'L-peptide linking' y THREONINE        ? 'C4 H9 N O3'     119.119 
TRP 'L-peptide linking' y TRYPTOPHAN       ? 'C11 H12 N2 O2'  204.225 
TYR 'L-peptide linking' y TYROSINE         ? 'C9 H11 N O3'    181.189 
VAL 'L-peptide linking' y VALINE           ? 'C5 H11 N O2'    117.146 
ZN  non-polymer         . 'ZINC ION'       ? 'Zn 2'           65.409  
# 
loop_
_pdbx_poly_seq_scheme.asym_id 
_pdbx_poly_seq_scheme.entity_id 
_pdbx_poly_seq_scheme.seq_id 
_pdbx_poly_seq_scheme.mon_id 
_pdbx_poly_seq_scheme.ndb_seq_num 
_pdbx_poly_seq_scheme.pdb_seq_num 
_pdbx_poly_seq_scheme.auth_seq_num 
_pdbx_poly_seq_scheme.pdb_mon_id 
_pdbx_poly_seq_scheme.auth_mon_id 
_pdbx_poly_seq_scheme.pdb_strand_id 
_pdbx_poly_seq_scheme.pdb_ins_code 
_pdbx_poly_seq_scheme.hetero 
A 1 1  HIS 1  231 231 HIS HIS A . n 
A 1 2  ARG 2  232 232 ARG ARG A . n 
A 1 3  PHE 3  233 233 PHE PHE A . n 
A 1 4  LYS 4  234 234 LYS LYS A . n 
A 1 5  VAL 5  235 235 VAL VAL A . n 
A 1 6  TYR 6  236 236 TYR TYR A . n 
A 1 7  ASN 7  237 237 ASN ASN A . n 
A 1 8  TYR 8  238 238 TYR TYR A . n 
A 1 9  MET 9  239 239 MET MET A . n 
A 1 10 SER 10 240 240 SER SER A . n 
A 1 11 PRO 11 241 241 PRO PRO A . n 
A 1 12 THR 12 242 242 THR THR A . n 
A 1 13 PHE 13 243 243 PHE PHE A . n 
A 1 14 CYS 14 244 244 CYS CYS A . n 
A 1 15 ASP 15 245 245 ASP ASP A . n 
A 1 16 HIS 16 246 246 HIS HIS A . n 
A 1 17 CYS 17 247 247 CYS CYS A . n 
A 1 18 GLY 18 248 248 GLY GLY A . n 
A 1 19 SER 19 249 249 SER SER A . n 
A 1 20 LEU 20 250 250 LEU LEU A . n 
A 1 21 LEU 21 251 251 LEU LEU A . n 
A 1 22 TRP 22 252 252 TRP TRP A . n 
A 1 23 GLY 23 253 253 GLY GLY A . n 
A 1 24 LEU 24 254 254 LEU LEU A . n 
A 1 25 VAL 25 255 255 VAL VAL A . n 
A 1 26 LYS 26 256 256 LYS LYS A . n 
A 1 27 GLN 27 257 257 GLN GLN A . n 
A 1 28 GLY 28 258 258 GLY GLY A . n 
A 1 29 LEU 29 259 259 LEU LEU A . n 
A 1 30 LYS 30 260 260 LYS LYS A . n 
A 1 31 CYS 31 261 261 CYS CYS A . n 
A 1 32 GLU 32 262 262 GLU GLU A . n 
A 1 33 ASP 33 263 263 ASP ASP A . n 
A 1 34 CYS 34 264 264 CYS CYS A . n 
A 1 35 GLY 35 265 265 GLY GLY A . n 
A 1 36 MET 36 266 266 MET MET A . n 
A 1 37 ASN 37 267 267 ASN ASN A . n 
A 1 38 VAL 38 268 268 VAL VAL A . n 
A 1 39 HIS 39 269 269 HIS HIS A . n 
A 1 40 HIS 40 270 270 HIS HIS A . n 
A 1 41 LYS 41 271 271 LYS LYS A . n 
A 1 42 CYS 42 272 272 CYS CYS A . n 
A 1 43 ARG 43 273 273 ARG ARG A . n 
A 1 44 GLU 44 274 274 GLU GLU A . n 
A 1 45 LYS 45 275 275 LYS LYS A . n 
A 1 46 VAL 46 276 276 VAL VAL A . n 
A 1 47 ALA 47 277 277 ALA ALA A . n 
A 1 48 ASN 48 278 278 ASN ASN A . n 
A 1 49 LEU 49 279 279 LEU LEU A . n 
A 1 50 CYS 50 280 280 CYS CYS A . n 
# 
loop_
_pdbx_nonpoly_scheme.asym_id 
_pdbx_nonpoly_scheme.entity_id 
_pdbx_nonpoly_scheme.mon_id 
_pdbx_nonpoly_scheme.ndb_seq_num 
_pdbx_nonpoly_scheme.pdb_seq_num 
_pdbx_nonpoly_scheme.auth_seq_num 
_pdbx_nonpoly_scheme.pdb_mon_id 
_pdbx_nonpoly_scheme.auth_mon_id 
_pdbx_nonpoly_scheme.pdb_strand_id 
_pdbx_nonpoly_scheme.pdb_ins_code 
B 2 ZN  1 1 1 ZN  ZN  A . 
C 2 ZN  1 2 2 ZN  ZN  A . 
D 3 PRB 1 3 3 PRB PRB A . 
# 
loop_
_pdbx_unobs_or_zero_occ_atoms.id 
_pdbx_unobs_or_zero_occ_atoms.PDB_model_num 
_pdbx_unobs_or_zero_occ_atoms.polymer_flag 
_pdbx_unobs_or_zero_occ_atoms.occupancy_flag 
_pdbx_unobs_or_zero_occ_atoms.auth_asym_id 
_pdbx_unobs_or_zero_occ_atoms.auth_comp_id 
_pdbx_unobs_or_zero_occ_atoms.auth_seq_id 
_pdbx_unobs_or_zero_occ_atoms.PDB_ins_code 
_pdbx_unobs_or_zero_occ_atoms.auth_atom_id 
_pdbx_unobs_or_zero_occ_atoms.label_alt_id 
_pdbx_unobs_or_zero_occ_atoms.label_asym_id 
_pdbx_unobs_or_zero_occ_atoms.label_comp_id 
_pdbx_unobs_or_zero_occ_atoms.label_seq_id 
_pdbx_unobs_or_zero_occ_atoms.label_atom_id 
1  1 Y 1 A LYS 234 ? CG  ? A LYS 4  CG  
2  1 Y 1 A LYS 234 ? CD  ? A LYS 4  CD  
3  1 Y 1 A LYS 234 ? CE  ? A LYS 4  CE  
4  1 Y 1 A LYS 234 ? NZ  ? A LYS 4  NZ  
5  1 Y 1 A ARG 273 ? CG  ? A ARG 43 CG  
6  1 Y 1 A ARG 273 ? CD  ? A ARG 43 CD  
7  1 Y 1 A ARG 273 ? NE  ? A ARG 43 NE  
8  1 Y 1 A ARG 273 ? CZ  ? A ARG 43 CZ  
9  1 Y 1 A ARG 273 ? NH1 ? A ARG 43 NH1 
10 1 Y 1 A ARG 273 ? NH2 ? A ARG 43 NH2 
11 1 Y 1 A GLU 274 ? CG  ? A GLU 44 CG  
12 1 Y 1 A GLU 274 ? CD  ? A GLU 44 CD  
13 1 Y 1 A GLU 274 ? OE1 ? A GLU 44 OE1 
14 1 Y 1 A GLU 274 ? OE2 ? A GLU 44 OE2 
# 
loop_
_software.name 
_software.classification 
_software.version 
_software.citation_id 
_software.pdbx_ordinal 
X-PLOR 'model building' 3.1 ? 1 
X-PLOR refinement       3.1 ? 2 
DENZO  'data reduction' .   ? 3 
X-PLOR phasing          3.1 ? 4 
# 
_cell.entry_id           1PTR 
_cell.length_a           32.400 
_cell.length_b           63.500 
_cell.length_c           65.500 
_cell.angle_alpha        90.00 
_cell.angle_beta         90.00 
_cell.angle_gamma        90.00 
_cell.Z_PDB              8 
_cell.pdbx_unique_axis   ? 
# 
_symmetry.entry_id                         1PTR 
_symmetry.space_group_name_H-M             'C 2 2 21' 
_symmetry.pdbx_full_space_group_name_H-M   ? 
_symmetry.cell_setting                     ? 
_symmetry.Int_Tables_number                20 
# 
_exptl.entry_id          1PTR 
_exptl.method            'X-RAY DIFFRACTION' 
_exptl.crystals_number   1 
# 
_exptl_crystal.id                    1 
_exptl_crystal.density_meas          ? 
_exptl_crystal.density_Matthews      2.90 
_exptl_crystal.density_percent_sol   57.55 
_exptl_crystal.description           ? 
# 
_diffrn.id                     1 
_diffrn.ambient_temp           ? 
_diffrn.ambient_temp_details   ? 
_diffrn.crystal_id             1 
# 
_diffrn_detector.diffrn_id              1 
_diffrn_detector.detector               'IMAGE PLATE' 
_diffrn_detector.type                   'RIGAKU RAXIS IIC' 
_diffrn_detector.pdbx_collection_date   1995-01-05 
_diffrn_detector.details                ? 
# 
_diffrn_radiation.diffrn_id                        1 
_diffrn_radiation.wavelength_id                    1 
_diffrn_radiation.pdbx_monochromatic_or_laue_m_l   M 
_diffrn_radiation.monochromator                    ? 
_diffrn_radiation.pdbx_diffrn_protocol             ? 
_diffrn_radiation.pdbx_scattering_type             x-ray 
# 
_diffrn_radiation_wavelength.id           1 
_diffrn_radiation_wavelength.wavelength   1.5418 
_diffrn_radiation_wavelength.wt           1.0 
# 
_diffrn_source.diffrn_id                   1 
_diffrn_source.source                      ? 
_diffrn_source.type                        ? 
_diffrn_source.pdbx_synchrotron_site       ? 
_diffrn_source.pdbx_synchrotron_beamline   ? 
_diffrn_source.pdbx_wavelength             ? 
_diffrn_source.pdbx_wavelength_list        1.5418 
# 
_reflns.entry_id                     1PTR 
_reflns.observed_criterion_sigma_I   0. 
_reflns.observed_criterion_sigma_F   ? 
_reflns.d_resolution_low             20.0 
_reflns.d_resolution_high            2.20 
_reflns.number_obs                   3215 
_reflns.number_all                   ? 
_reflns.percent_possible_obs         94.6 
_reflns.pdbx_Rmerge_I_obs            0.06 
_reflns.pdbx_Rsym_value              ? 
_reflns.pdbx_netI_over_sigmaI        ? 
_reflns.B_iso_Wilson_estimate        ? 
_reflns.pdbx_redundancy              9. 
_reflns.pdbx_diffrn_id               1 
_reflns.pdbx_ordinal                 1 
# 
_refine.entry_id                                 1PTR 
_refine.ls_number_reflns_obs                     3215 
_refine.ls_number_reflns_all                     ? 
_refine.pdbx_ls_sigma_I                          ? 
_refine.pdbx_ls_sigma_F                          0.0 
_refine.pdbx_data_cutoff_high_absF               ? 
_refine.pdbx_data_cutoff_low_absF                ? 
_refine.pdbx_data_cutoff_high_rms_absF           ? 
_refine.ls_d_res_low                             6. 
_refine.ls_d_res_high                            2.2 
_refine.ls_percent_reflns_obs                    ? 
_refine.ls_R_factor_obs                          0.194 
_refine.ls_R_factor_all                          ? 
_refine.ls_R_factor_R_work                       0.194 
_refine.ls_R_factor_R_free                       ? 
_refine.ls_R_factor_R_free_error                 ? 
_refine.ls_R_factor_R_free_error_details         ? 
_refine.ls_percent_reflns_R_free                 ? 
_refine.ls_number_reflns_R_free                  ? 
_refine.ls_number_parameters                     ? 
_refine.ls_number_restraints                     ? 
_refine.occupancy_min                            ? 
_refine.occupancy_max                            ? 
_refine.B_iso_mean                               19.4 
_refine.aniso_B[1][1]                            ? 
_refine.aniso_B[2][2]                            ? 
_refine.aniso_B[3][3]                            ? 
_refine.aniso_B[1][2]                            ? 
_refine.aniso_B[1][3]                            ? 
_refine.aniso_B[2][3]                            ? 
_refine.solvent_model_details                    ? 
_refine.solvent_model_param_ksol                 ? 
_refine.solvent_model_param_bsol                 ? 
_refine.pdbx_ls_cross_valid_method               ? 
_refine.details                                  ? 
_refine.pdbx_starting_model                      ? 
_refine.pdbx_method_to_determine_struct          ? 
_refine.pdbx_isotropic_thermal_model             ? 
_refine.pdbx_stereochemistry_target_values       ? 
_refine.pdbx_stereochem_target_val_spec_case     ? 
_refine.pdbx_R_Free_selection_details            ? 
_refine.pdbx_overall_ESU_R                       ? 
_refine.pdbx_overall_ESU_R_Free                  ? 
_refine.overall_SU_ML                            ? 
_refine.overall_SU_B                             ? 
_refine.pdbx_refine_id                           'X-RAY DIFFRACTION' 
_refine.pdbx_diffrn_id                           1 
_refine.pdbx_TLS_residual_ADP_flag               ? 
_refine.correlation_coeff_Fo_to_Fc               ? 
_refine.correlation_coeff_Fo_to_Fc_free          ? 
_refine.pdbx_solvent_vdw_probe_radii             ? 
_refine.pdbx_solvent_ion_probe_radii             ? 
_refine.pdbx_solvent_shrinkage_radii             ? 
_refine.pdbx_overall_phase_error                 ? 
_refine.overall_SU_R_Cruickshank_DPI             ? 
_refine.pdbx_overall_SU_R_free_Cruickshank_DPI   ? 
_refine.pdbx_overall_SU_R_Blow_DPI               ? 
_refine.pdbx_overall_SU_R_free_Blow_DPI          ? 
# 
_refine_hist.pdbx_refine_id                   'X-RAY DIFFRACTION' 
_refine_hist.cycle_id                         LAST 
_refine_hist.pdbx_number_atoms_protein        387 
_refine_hist.pdbx_number_atoms_nucleic_acid   0 
_refine_hist.pdbx_number_atoms_ligand         31 
_refine_hist.number_atoms_solvent             0 
_refine_hist.number_atoms_total               418 
_refine_hist.d_res_high                       2.2 
_refine_hist.d_res_low                        6. 
# 
loop_
_refine_ls_restr.type 
_refine_ls_restr.dev_ideal 
_refine_ls_restr.dev_ideal_target 
_refine_ls_restr.weight 
_refine_ls_restr.number 
_refine_ls_restr.pdbx_refine_id 
_refine_ls_restr.pdbx_restraint_function 
x_bond_d                ?   ? ? ? 'X-RAY DIFFRACTION' ? 
x_bond_d_na             ?   ? ? ? 'X-RAY DIFFRACTION' ? 
x_bond_d_prot           ?   ? ? ? 'X-RAY DIFFRACTION' ? 
x_angle_d               ?   ? ? ? 'X-RAY DIFFRACTION' ? 
x_angle_d_na            ?   ? ? ? 'X-RAY DIFFRACTION' ? 
x_angle_d_prot          ?   ? ? ? 'X-RAY DIFFRACTION' ? 
x_angle_deg             3.2 ? ? ? 'X-RAY DIFFRACTION' ? 
x_angle_deg_na          ?   ? ? ? 'X-RAY DIFFRACTION' ? 
x_angle_deg_prot        ?   ? ? ? 'X-RAY DIFFRACTION' ? 
x_dihedral_angle_d      ?   ? ? ? 'X-RAY DIFFRACTION' ? 
x_dihedral_angle_d_na   ?   ? ? ? 'X-RAY DIFFRACTION' ? 
x_dihedral_angle_d_prot ?   ? ? ? 'X-RAY DIFFRACTION' ? 
x_improper_angle_d      ?   ? ? ? 'X-RAY DIFFRACTION' ? 
x_improper_angle_d_na   ?   ? ? ? 'X-RAY DIFFRACTION' ? 
x_improper_angle_d_prot ?   ? ? ? 'X-RAY DIFFRACTION' ? 
x_mcbond_it             ?   ? ? ? 'X-RAY DIFFRACTION' ? 
x_mcangle_it            ?   ? ? ? 'X-RAY DIFFRACTION' ? 
x_scbond_it             ?   ? ? ? 'X-RAY DIFFRACTION' ? 
x_scangle_it            ?   ? ? ? 'X-RAY DIFFRACTION' ? 
# 
_struct.entry_id                  1PTR 
_struct.title                     'PROTEIN KINASE C DELTA CYS2 DOMAIN COMPLEXED WITH PHORBOL-13-ACETATE' 
_struct.pdbx_model_details        ? 
_struct.pdbx_CASP_flag            ? 
_struct.pdbx_model_type_details   ? 
# 
_struct_keywords.entry_id        1PTR 
_struct_keywords.pdbx_keywords   PHOSPHOTRANSFERASE 
_struct_keywords.text            PHOSPHOTRANSFERASE 
# 
loop_
_struct_asym.id 
_struct_asym.pdbx_blank_PDB_chainid_flag 
_struct_asym.pdbx_modified 
_struct_asym.entity_id 
_struct_asym.details 
A N N 1 ? 
B N N 2 ? 
C N N 2 ? 
D N N 3 ? 
# 
_struct_ref.id                         1 
_struct_ref.db_name                    UNP 
_struct_ref.db_code                    KPCD_MOUSE 
_struct_ref.entity_id                  1 
_struct_ref.pdbx_db_accession          P28867 
_struct_ref.pdbx_align_begin           1 
_struct_ref.pdbx_seq_one_letter_code   
;MAPFLRISFNSYELGSLQVEDEASQPFCAVKMKEALSTERGKTLVQKKPTMYPEWKTTFDAHIYEGRVIQIVLMRAAEDP
VSEVTVGVSVLAERCKKNNGKAEFWLDLQPQAKVLMCVQYFLEDGDCKQSMRSEEEAKFPTMNRRGAIKQAKIHYIKNHE
FIATFFGQPTFCSVCKEFVWGLNKQGYKCRQCNAAIHKKCIDKIIGRCTGTATNSRDTIFQKERFNIDMPHRFKVYNYMS
PTFCDHCGSLLWGLVKQGLKCEDCGMNVHHKCREKVANLCGINQKLLAEALNQVTQRSSRKLDTTESVGIYQGFEKKPDV
SGSDILDNNGTYGKIWEGSTRCTLENFTFQKVLGKGSFGKVLLAELKGKDKYFAIKCLKKDVVLIDDDVECTMVEKRVLA
LAWESPFLTHLICTFQTKDHLFFVMEFLNGGDLMFHIQDKGRFELYRATFYAAEIICGLQFLHSKGIIYRDLKLDNVMLD
RDGHIKIADFGMCKENIFGEDRPSTFCGTPDYSAPEILQGLKYSFSVDWWSFGVLLYEMLIGQSPFHGDDEDELFESIRV
DTPHYPRWITKESKDIMEKLFERDPDKRLGVTGNIRIHPFFKTINWSLLEKRKVEPPFKPKVKSPSDYSNFDPEFLNEKP
QLSFSDKNLIDSMDQEAFHGFSFVNPKFEQFLDI
;
_struct_ref.pdbx_db_isoform            ? 
# 
_struct_ref_seq.align_id                      1 
_struct_ref_seq.ref_id                        1 
_struct_ref_seq.pdbx_PDB_id_code              1PTR 
_struct_ref_seq.pdbx_strand_id                A 
_struct_ref_seq.seq_align_beg                 1 
_struct_ref_seq.pdbx_seq_align_beg_ins_code   ? 
_struct_ref_seq.seq_align_end                 50 
_struct_ref_seq.pdbx_seq_align_end_ins_code   ? 
_struct_ref_seq.pdbx_db_accession             P28867 
_struct_ref_seq.db_align_beg                  231 
_struct_ref_seq.pdbx_db_align_beg_ins_code    ? 
_struct_ref_seq.db_align_end                  280 
_struct_ref_seq.pdbx_db_align_end_ins_code    ? 
_struct_ref_seq.pdbx_auth_seq_align_beg       231 
_struct_ref_seq.pdbx_auth_seq_align_end       280 
# 
_pdbx_struct_assembly.id                   1 
_pdbx_struct_assembly.details              author_defined_assembly 
_pdbx_struct_assembly.method_details       ? 
_pdbx_struct_assembly.oligomeric_details   dimeric 
_pdbx_struct_assembly.oligomeric_count     2 
# 
_pdbx_struct_assembly_gen.assembly_id       1 
_pdbx_struct_assembly_gen.oper_expression   1,2 
_pdbx_struct_assembly_gen.asym_id_list      A,B,C,D 
# 
loop_
_pdbx_struct_oper_list.id 
_pdbx_struct_oper_list.type 
_pdbx_struct_oper_list.name 
_pdbx_struct_oper_list.symmetry_operation 
_pdbx_struct_oper_list.matrix[1][1] 
_pdbx_struct_oper_list.matrix[1][2] 
_pdbx_struct_oper_list.matrix[1][3] 
_pdbx_struct_oper_list.vector[1] 
_pdbx_struct_oper_list.matrix[2][1] 
_pdbx_struct_oper_list.matrix[2][2] 
_pdbx_struct_oper_list.matrix[2][3] 
_pdbx_struct_oper_list.vector[2] 
_pdbx_struct_oper_list.matrix[3][1] 
_pdbx_struct_oper_list.matrix[3][2] 
_pdbx_struct_oper_list.matrix[3][3] 
_pdbx_struct_oper_list.vector[3] 
1 'identity operation'         1_555 x,y,z       1.0000000000  0.0000000000  0.0000000000 0.0000000000  0.0000000000  1.0000000000 0.0000000000  0.0000000000 0.0000000000 0.0000000000  1.0000000000  0.0000000000   
2 'crystal symmetry operation' 4_566 x,-y+1,-z+1 -0.9423065942 -0.3323697869 0.0398573360 15.8521537922 -0.3323697869 0.9147712596 -0.2296167836 0.3754188166 0.0398573360 -0.2296167836 -0.9724646654 -19.8153451387 
# 
_struct_biol.id   1 
# 
_struct_conf.conf_type_id            HELX_P 
_struct_conf.id                      HELX_P1 
_struct_conf.pdbx_PDB_helix_id       1 
_struct_conf.beg_label_comp_id       HIS 
_struct_conf.beg_label_asym_id       A 
_struct_conf.beg_label_seq_id        40 
_struct_conf.pdbx_beg_PDB_ins_code   ? 
_struct_conf.end_label_comp_id       LYS 
_struct_conf.end_label_asym_id       A 
_struct_conf.end_label_seq_id        45 
_struct_conf.pdbx_end_PDB_ins_code   ? 
_struct_conf.beg_auth_comp_id        HIS 
_struct_conf.beg_auth_asym_id        A 
_struct_conf.beg_auth_seq_id         270 
_struct_conf.end_auth_comp_id        LYS 
_struct_conf.end_auth_asym_id        A 
_struct_conf.end_auth_seq_id         275 
_struct_conf.pdbx_PDB_helix_class    1 
_struct_conf.details                 ? 
_struct_conf.pdbx_PDB_helix_length   6 
# 
_struct_conf_type.id          HELX_P 
_struct_conf_type.criteria    ? 
_struct_conf_type.reference   ? 
# 
loop_
_struct_conn.id 
_struct_conn.conn_type_id 
_struct_conn.pdbx_leaving_atom_flag 
_struct_conn.pdbx_PDB_id 
_struct_conn.ptnr1_label_asym_id 
_struct_conn.ptnr1_label_comp_id 
_struct_conn.ptnr1_label_seq_id 
_struct_conn.ptnr1_label_atom_id 
_struct_conn.pdbx_ptnr1_label_alt_id 
_struct_conn.pdbx_ptnr1_PDB_ins_code 
_struct_conn.pdbx_ptnr1_standard_comp_id 
_struct_conn.ptnr1_symmetry 
_struct_conn.ptnr2_label_asym_id 
_struct_conn.ptnr2_label_comp_id 
_struct_conn.ptnr2_label_seq_id 
_struct_conn.ptnr2_label_atom_id 
_struct_conn.pdbx_ptnr2_label_alt_id 
_struct_conn.pdbx_ptnr2_PDB_ins_code 
_struct_conn.ptnr1_auth_asym_id 
_struct_conn.ptnr1_auth_comp_id 
_struct_conn.ptnr1_auth_seq_id 
_struct_conn.ptnr2_auth_asym_id 
_struct_conn.ptnr2_auth_comp_id 
_struct_conn.ptnr2_auth_seq_id 
_struct_conn.ptnr2_symmetry 
_struct_conn.pdbx_ptnr3_label_atom_id 
_struct_conn.pdbx_ptnr3_label_seq_id 
_struct_conn.pdbx_ptnr3_label_comp_id 
_struct_conn.pdbx_ptnr3_label_asym_id 
_struct_conn.pdbx_ptnr3_label_alt_id 
_struct_conn.pdbx_ptnr3_PDB_ins_code 
_struct_conn.details 
_struct_conn.pdbx_dist_value 
_struct_conn.pdbx_value_order 
_struct_conn.pdbx_role 
metalc1 metalc ? ? B ZN . ZN ? ? ? 1_555 A HIS 1  ND1 ? ? A ZN 1 A HIS 231 1_555 ? ? ? ? ? ? ? 2.041 ? ? 
metalc2 metalc ? ? B ZN . ZN ? ? ? 1_555 A CYS 31 SG  ? ? A ZN 1 A CYS 261 1_555 ? ? ? ? ? ? ? 2.267 ? ? 
metalc3 metalc ? ? B ZN . ZN ? ? ? 1_555 A CYS 34 SG  ? ? A ZN 1 A CYS 264 1_555 ? ? ? ? ? ? ? 2.301 ? ? 
metalc4 metalc ? ? B ZN . ZN ? ? ? 1_555 A CYS 50 SG  ? ? A ZN 1 A CYS 280 1_555 ? ? ? ? ? ? ? 2.319 ? ? 
metalc5 metalc ? ? C ZN . ZN ? ? ? 1_555 A CYS 14 SG  ? ? A ZN 2 A CYS 244 1_555 ? ? ? ? ? ? ? 2.307 ? ? 
metalc6 metalc ? ? C ZN . ZN ? ? ? 1_555 A CYS 17 SG  ? ? A ZN 2 A CYS 247 1_555 ? ? ? ? ? ? ? 2.306 ? ? 
metalc7 metalc ? ? C ZN . ZN ? ? ? 1_555 A HIS 39 ND1 ? ? A ZN 2 A HIS 269 1_555 ? ? ? ? ? ? ? 2.029 ? ? 
metalc8 metalc ? ? C ZN . ZN ? ? ? 1_555 A CYS 42 SG  ? ? A ZN 2 A CYS 272 1_555 ? ? ? ? ? ? ? 2.276 ? ? 
# 
_struct_conn_type.id          metalc 
_struct_conn_type.criteria    ? 
_struct_conn_type.reference   ? 
# 
loop_
_pdbx_struct_conn_angle.id 
_pdbx_struct_conn_angle.ptnr1_label_atom_id 
_pdbx_struct_conn_angle.ptnr1_label_alt_id 
_pdbx_struct_conn_angle.ptnr1_label_asym_id 
_pdbx_struct_conn_angle.ptnr1_label_comp_id 
_pdbx_struct_conn_angle.ptnr1_label_seq_id 
_pdbx_struct_conn_angle.ptnr1_auth_atom_id 
_pdbx_struct_conn_angle.ptnr1_auth_asym_id 
_pdbx_struct_conn_angle.ptnr1_auth_comp_id 
_pdbx_struct_conn_angle.ptnr1_auth_seq_id 
_pdbx_struct_conn_angle.ptnr1_PDB_ins_code 
_pdbx_struct_conn_angle.ptnr1_symmetry 
_pdbx_struct_conn_angle.ptnr2_label_atom_id 
_pdbx_struct_conn_angle.ptnr2_label_alt_id 
_pdbx_struct_conn_angle.ptnr2_label_asym_id 
_pdbx_struct_conn_angle.ptnr2_label_comp_id 
_pdbx_struct_conn_angle.ptnr2_label_seq_id 
_pdbx_struct_conn_angle.ptnr2_auth_atom_id 
_pdbx_struct_conn_angle.ptnr2_auth_asym_id 
_pdbx_struct_conn_angle.ptnr2_auth_comp_id 
_pdbx_struct_conn_angle.ptnr2_auth_seq_id 
_pdbx_struct_conn_angle.ptnr2_PDB_ins_code 
_pdbx_struct_conn_angle.ptnr2_symmetry 
_pdbx_struct_conn_angle.ptnr3_label_atom_id 
_pdbx_struct_conn_angle.ptnr3_label_alt_id 
_pdbx_struct_conn_angle.ptnr3_label_asym_id 
_pdbx_struct_conn_angle.ptnr3_label_comp_id 
_pdbx_struct_conn_angle.ptnr3_label_seq_id 
_pdbx_struct_conn_angle.ptnr3_auth_atom_id 
_pdbx_struct_conn_angle.ptnr3_auth_asym_id 
_pdbx_struct_conn_angle.ptnr3_auth_comp_id 
_pdbx_struct_conn_angle.ptnr3_auth_seq_id 
_pdbx_struct_conn_angle.ptnr3_PDB_ins_code 
_pdbx_struct_conn_angle.ptnr3_symmetry 
_pdbx_struct_conn_angle.value 
_pdbx_struct_conn_angle.value_esd 
1  ND1 ? A HIS 1  ? A HIS 231 ? 1_555 ZN ? B ZN . ? A ZN 1 ? 1_555 SG  ? A CYS 31 ? A CYS 261 ? 1_555 111.8 ? 
2  ND1 ? A HIS 1  ? A HIS 231 ? 1_555 ZN ? B ZN . ? A ZN 1 ? 1_555 SG  ? A CYS 34 ? A CYS 264 ? 1_555 104.1 ? 
3  SG  ? A CYS 31 ? A CYS 261 ? 1_555 ZN ? B ZN . ? A ZN 1 ? 1_555 SG  ? A CYS 34 ? A CYS 264 ? 1_555 106.8 ? 
4  ND1 ? A HIS 1  ? A HIS 231 ? 1_555 ZN ? B ZN . ? A ZN 1 ? 1_555 SG  ? A CYS 50 ? A CYS 280 ? 1_555 112.5 ? 
5  SG  ? A CYS 31 ? A CYS 261 ? 1_555 ZN ? B ZN . ? A ZN 1 ? 1_555 SG  ? A CYS 50 ? A CYS 280 ? 1_555 112.5 ? 
6  SG  ? A CYS 34 ? A CYS 264 ? 1_555 ZN ? B ZN . ? A ZN 1 ? 1_555 SG  ? A CYS 50 ? A CYS 280 ? 1_555 108.6 ? 
7  SG  ? A CYS 14 ? A CYS 244 ? 1_555 ZN ? C ZN . ? A ZN 2 ? 1_555 SG  ? A CYS 17 ? A CYS 247 ? 1_555 107.7 ? 
8  SG  ? A CYS 14 ? A CYS 244 ? 1_555 ZN ? C ZN . ? A ZN 2 ? 1_555 ND1 ? A HIS 39 ? A HIS 269 ? 1_555 104.4 ? 
9  SG  ? A CYS 17 ? A CYS 247 ? 1_555 ZN ? C ZN . ? A ZN 2 ? 1_555 ND1 ? A HIS 39 ? A HIS 269 ? 1_555 101.3 ? 
10 SG  ? A CYS 14 ? A CYS 244 ? 1_555 ZN ? C ZN . ? A ZN 2 ? 1_555 SG  ? A CYS 42 ? A CYS 272 ? 1_555 112.8 ? 
11 SG  ? A CYS 17 ? A CYS 247 ? 1_555 ZN ? C ZN . ? A ZN 2 ? 1_555 SG  ? A CYS 42 ? A CYS 272 ? 1_555 113.7 ? 
12 ND1 ? A HIS 39 ? A HIS 269 ? 1_555 ZN ? C ZN . ? A ZN 2 ? 1_555 SG  ? A CYS 42 ? A CYS 272 ? 1_555 115.8 ? 
# 
_struct_sheet.id               A 
_struct_sheet.type             ? 
_struct_sheet.number_strands   2 
_struct_sheet.details          ? 
# 
_struct_sheet_order.sheet_id     A 
_struct_sheet_order.range_id_1   1 
_struct_sheet_order.range_id_2   2 
_struct_sheet_order.offset       ? 
_struct_sheet_order.sense        anti-parallel 
# 
loop_
_struct_sheet_range.sheet_id 
_struct_sheet_range.id 
_struct_sheet_range.beg_label_comp_id 
_struct_sheet_range.beg_label_asym_id 
_struct_sheet_range.beg_label_seq_id 
_struct_sheet_range.pdbx_beg_PDB_ins_code 
_struct_sheet_range.end_label_comp_id 
_struct_sheet_range.end_label_asym_id 
_struct_sheet_range.end_label_seq_id 
_struct_sheet_range.pdbx_end_PDB_ins_code 
_struct_sheet_range.beg_auth_comp_id 
_struct_sheet_range.beg_auth_asym_id 
_struct_sheet_range.beg_auth_seq_id 
_struct_sheet_range.end_auth_comp_id 
_struct_sheet_range.end_auth_asym_id 
_struct_sheet_range.end_auth_seq_id 
A 1 PHE A 3  ? TYR A 6  ? PHE A 233 TYR A 236 
A 2 GLY A 28 ? CYS A 31 ? GLY A 258 CYS A 261 
# 
_pdbx_struct_sheet_hbond.sheet_id                A 
_pdbx_struct_sheet_hbond.range_id_1              1 
_pdbx_struct_sheet_hbond.range_id_2              2 
_pdbx_struct_sheet_hbond.range_1_label_atom_id   O 
_pdbx_struct_sheet_hbond.range_1_label_comp_id   LYS 
_pdbx_struct_sheet_hbond.range_1_label_asym_id   A 
_pdbx_struct_sheet_hbond.range_1_label_seq_id    4 
_pdbx_struct_sheet_hbond.range_1_PDB_ins_code    ? 
_pdbx_struct_sheet_hbond.range_1_auth_atom_id    O 
_pdbx_struct_sheet_hbond.range_1_auth_comp_id    LYS 
_pdbx_struct_sheet_hbond.range_1_auth_asym_id    A 
_pdbx_struct_sheet_hbond.range_1_auth_seq_id     234 
_pdbx_struct_sheet_hbond.range_2_label_atom_id   N 
_pdbx_struct_sheet_hbond.range_2_label_comp_id   LYS 
_pdbx_struct_sheet_hbond.range_2_label_asym_id   A 
_pdbx_struct_sheet_hbond.range_2_label_seq_id    30 
_pdbx_struct_sheet_hbond.range_2_PDB_ins_code    ? 
_pdbx_struct_sheet_hbond.range_2_auth_atom_id    N 
_pdbx_struct_sheet_hbond.range_2_auth_comp_id    LYS 
_pdbx_struct_sheet_hbond.range_2_auth_asym_id    A 
_pdbx_struct_sheet_hbond.range_2_auth_seq_id     260 
# 
loop_
_struct_site.id 
_struct_site.pdbx_evidence_code 
_struct_site.pdbx_auth_asym_id 
_struct_site.pdbx_auth_comp_id 
_struct_site.pdbx_auth_seq_id 
_struct_site.pdbx_auth_ins_code 
_struct_site.pdbx_num_residues 
_struct_site.details 
AC1 Software A ZN  1 ? 4  'BINDING SITE FOR RESIDUE ZN A 1'  
AC2 Software A ZN  2 ? 4  'BINDING SITE FOR RESIDUE ZN A 2'  
AC3 Software A PRB 3 ? 11 'BINDING SITE FOR RESIDUE PRB A 3' 
# 
loop_
_struct_site_gen.id 
_struct_site_gen.site_id 
_struct_site_gen.pdbx_num_res 
_struct_site_gen.label_comp_id 
_struct_site_gen.label_asym_id 
_struct_site_gen.label_seq_id 
_struct_site_gen.pdbx_auth_ins_code 
_struct_site_gen.auth_comp_id 
_struct_site_gen.auth_asym_id 
_struct_site_gen.auth_seq_id 
_struct_site_gen.label_atom_id 
_struct_site_gen.label_alt_id 
_struct_site_gen.symmetry 
_struct_site_gen.details 
1  AC1 4  HIS A 1  ? HIS A 231 . ? 1_555 ? 
2  AC1 4  CYS A 31 ? CYS A 261 . ? 1_555 ? 
3  AC1 4  CYS A 34 ? CYS A 264 . ? 1_555 ? 
4  AC1 4  CYS A 50 ? CYS A 280 . ? 1_555 ? 
5  AC2 4  CYS A 14 ? CYS A 244 . ? 1_555 ? 
6  AC2 4  CYS A 17 ? CYS A 247 . ? 1_555 ? 
7  AC2 4  HIS A 39 ? HIS A 269 . ? 1_555 ? 
8  AC2 4  CYS A 42 ? CYS A 272 . ? 1_555 ? 
9  AC3 11 TYR A 8  ? TYR A 238 . ? 1_555 ? 
10 AC3 11 MET A 9  ? MET A 239 . ? 1_555 ? 
11 AC3 11 SER A 10 ? SER A 240 . ? 1_555 ? 
12 AC3 11 PRO A 11 ? PRO A 241 . ? 1_555 ? 
13 AC3 11 THR A 12 ? THR A 242 . ? 1_555 ? 
14 AC3 11 LEU A 20 ? LEU A 250 . ? 1_555 ? 
15 AC3 11 LEU A 21 ? LEU A 251 . ? 1_555 ? 
16 AC3 11 GLY A 23 ? GLY A 253 . ? 1_555 ? 
17 AC3 11 LEU A 24 ? LEU A 254 . ? 1_555 ? 
18 AC3 11 GLN A 27 ? GLN A 257 . ? 1_555 ? 
19 AC3 11 LEU A 49 ? LEU A 279 . ? 8_456 ? 
# 
loop_
_pdbx_validate_rmsd_bond.id 
_pdbx_validate_rmsd_bond.PDB_model_num 
_pdbx_validate_rmsd_bond.auth_atom_id_1 
_pdbx_validate_rmsd_bond.auth_asym_id_1 
_pdbx_validate_rmsd_bond.auth_comp_id_1 
_pdbx_validate_rmsd_bond.auth_seq_id_1 
_pdbx_validate_rmsd_bond.PDB_ins_code_1 
_pdbx_validate_rmsd_bond.label_alt_id_1 
_pdbx_validate_rmsd_bond.auth_atom_id_2 
_pdbx_validate_rmsd_bond.auth_asym_id_2 
_pdbx_validate_rmsd_bond.auth_comp_id_2 
_pdbx_validate_rmsd_bond.auth_seq_id_2 
_pdbx_validate_rmsd_bond.PDB_ins_code_2 
_pdbx_validate_rmsd_bond.label_alt_id_2 
_pdbx_validate_rmsd_bond.bond_value 
_pdbx_validate_rmsd_bond.bond_target_value 
_pdbx_validate_rmsd_bond.bond_deviation 
_pdbx_validate_rmsd_bond.bond_standard_deviation 
_pdbx_validate_rmsd_bond.linker_flag 
1 1 NE2 A HIS 231 ? ? CD2 A HIS 231 ? ? 1.306 1.373 -0.067 0.011 N 
2 1 NE2 A HIS 246 ? ? CD2 A HIS 246 ? ? 1.292 1.373 -0.081 0.011 N 
3 1 NE2 A HIS 270 ? ? CD2 A HIS 270 ? ? 1.305 1.373 -0.068 0.011 N 
# 
loop_
_pdbx_validate_rmsd_angle.id 
_pdbx_validate_rmsd_angle.PDB_model_num 
_pdbx_validate_rmsd_angle.auth_atom_id_1 
_pdbx_validate_rmsd_angle.auth_asym_id_1 
_pdbx_validate_rmsd_angle.auth_comp_id_1 
_pdbx_validate_rmsd_angle.auth_seq_id_1 
_pdbx_validate_rmsd_angle.PDB_ins_code_1 
_pdbx_validate_rmsd_angle.label_alt_id_1 
_pdbx_validate_rmsd_angle.auth_atom_id_2 
_pdbx_validate_rmsd_angle.auth_asym_id_2 
_pdbx_validate_rmsd_angle.auth_comp_id_2 
_pdbx_validate_rmsd_angle.auth_seq_id_2 
_pdbx_validate_rmsd_angle.PDB_ins_code_2 
_pdbx_validate_rmsd_angle.label_alt_id_2 
_pdbx_validate_rmsd_angle.auth_atom_id_3 
_pdbx_validate_rmsd_angle.auth_asym_id_3 
_pdbx_validate_rmsd_angle.auth_comp_id_3 
_pdbx_validate_rmsd_angle.auth_seq_id_3 
_pdbx_validate_rmsd_angle.PDB_ins_code_3 
_pdbx_validate_rmsd_angle.label_alt_id_3 
_pdbx_validate_rmsd_angle.angle_value 
_pdbx_validate_rmsd_angle.angle_target_value 
_pdbx_validate_rmsd_angle.angle_deviation 
_pdbx_validate_rmsd_angle.angle_standard_deviation 
_pdbx_validate_rmsd_angle.linker_flag 
1 1 CD1 A TRP 252 ? ? CG  A TRP 252 ? ? CD2 A TRP 252 ? ? 113.67 106.30 7.37  0.80 N 
2 1 CE2 A TRP 252 ? ? CD2 A TRP 252 ? ? CG  A TRP 252 ? ? 101.25 107.30 -6.05 0.80 N 
# 
_pdbx_validate_torsion.id              1 
_pdbx_validate_torsion.PDB_model_num   1 
_pdbx_validate_torsion.auth_comp_id    ARG 
_pdbx_validate_torsion.auth_asym_id    A 
_pdbx_validate_torsion.auth_seq_id     232 
_pdbx_validate_torsion.PDB_ins_code    ? 
_pdbx_validate_torsion.label_alt_id    ? 
_pdbx_validate_torsion.phi             -114.46 
_pdbx_validate_torsion.psi             77.36 
# 
loop_
_chem_comp_atom.comp_id 
_chem_comp_atom.atom_id 
_chem_comp_atom.type_symbol 
_chem_comp_atom.pdbx_aromatic_flag 
_chem_comp_atom.pdbx_stereo_config 
_chem_comp_atom.pdbx_ordinal 
ALA N    N  N N 1   
ALA CA   C  N S 2   
ALA C    C  N N 3   
ALA O    O  N N 4   
ALA CB   C  N N 5   
ALA OXT  O  N N 6   
ALA H    H  N N 7   
ALA H2   H  N N 8   
ALA HA   H  N N 9   
ALA HB1  H  N N 10  
ALA HB2  H  N N 11  
ALA HB3  H  N N 12  
ALA HXT  H  N N 13  
ARG N    N  N N 14  
ARG CA   C  N S 15  
ARG C    C  N N 16  
ARG O    O  N N 17  
ARG CB   C  N N 18  
ARG CG   C  N N 19  
ARG CD   C  N N 20  
ARG NE   N  N N 21  
ARG CZ   C  N N 22  
ARG NH1  N  N N 23  
ARG NH2  N  N N 24  
ARG OXT  O  N N 25  
ARG H    H  N N 26  
ARG H2   H  N N 27  
ARG HA   H  N N 28  
ARG HB2  H  N N 29  
ARG HB3  H  N N 30  
ARG HG2  H  N N 31  
ARG HG3  H  N N 32  
ARG HD2  H  N N 33  
ARG HD3  H  N N 34  
ARG HE   H  N N 35  
ARG HH11 H  N N 36  
ARG HH12 H  N N 37  
ARG HH21 H  N N 38  
ARG HH22 H  N N 39  
ARG HXT  H  N N 40  
ASN N    N  N N 41  
ASN CA   C  N S 42  
ASN C    C  N N 43  
ASN O    O  N N 44  
ASN CB   C  N N 45  
ASN CG   C  N N 46  
ASN OD1  O  N N 47  
ASN ND2  N  N N 48  
ASN OXT  O  N N 49  
ASN H    H  N N 50  
ASN H2   H  N N 51  
ASN HA   H  N N 52  
ASN HB2  H  N N 53  
ASN HB3  H  N N 54  
ASN HD21 H  N N 55  
ASN HD22 H  N N 56  
ASN HXT  H  N N 57  
ASP N    N  N N 58  
ASP CA   C  N S 59  
ASP C    C  N N 60  
ASP O    O  N N 61  
ASP CB   C  N N 62  
ASP CG   C  N N 63  
ASP OD1  O  N N 64  
ASP OD2  O  N N 65  
ASP OXT  O  N N 66  
ASP H    H  N N 67  
ASP H2   H  N N 68  
ASP HA   H  N N 69  
ASP HB2  H  N N 70  
ASP HB3  H  N N 71  
ASP HD2  H  N N 72  
ASP HXT  H  N N 73  
CYS N    N  N N 74  
CYS CA   C  N R 75  
CYS C    C  N N 76  
CYS O    O  N N 77  
CYS CB   C  N N 78  
CYS SG   S  N N 79  
CYS OXT  O  N N 80  
CYS H    H  N N 81  
CYS H2   H  N N 82  
CYS HA   H  N N 83  
CYS HB2  H  N N 84  
CYS HB3  H  N N 85  
CYS HG   H  N N 86  
CYS HXT  H  N N 87  
GLN N    N  N N 88  
GLN CA   C  N S 89  
GLN C    C  N N 90  
GLN O    O  N N 91  
GLN CB   C  N N 92  
GLN CG   C  N N 93  
GLN CD   C  N N 94  
GLN OE1  O  N N 95  
GLN NE2  N  N N 96  
GLN OXT  O  N N 97  
GLN H    H  N N 98  
GLN H2   H  N N 99  
GLN HA   H  N N 100 
GLN HB2  H  N N 101 
GLN HB3  H  N N 102 
GLN HG2  H  N N 103 
GLN HG3  H  N N 104 
GLN HE21 H  N N 105 
GLN HE22 H  N N 106 
GLN HXT  H  N N 107 
GLU N    N  N N 108 
GLU CA   C  N S 109 
GLU C    C  N N 110 
GLU O    O  N N 111 
GLU CB   C  N N 112 
GLU CG   C  N N 113 
GLU CD   C  N N 114 
GLU OE1  O  N N 115 
GLU OE2  O  N N 116 
GLU OXT  O  N N 117 
GLU H    H  N N 118 
GLU H2   H  N N 119 
GLU HA   H  N N 120 
GLU HB2  H  N N 121 
GLU HB3  H  N N 122 
GLU HG2  H  N N 123 
GLU HG3  H  N N 124 
GLU HE2  H  N N 125 
GLU HXT  H  N N 126 
GLY N    N  N N 127 
GLY CA   C  N N 128 
GLY C    C  N N 129 
GLY O    O  N N 130 
GLY OXT  O  N N 131 
GLY H    H  N N 132 
GLY H2   H  N N 133 
GLY HA2  H  N N 134 
GLY HA3  H  N N 135 
GLY HXT  H  N N 136 
HIS N    N  N N 137 
HIS CA   C  N S 138 
HIS C    C  N N 139 
HIS O    O  N N 140 
HIS CB   C  N N 141 
HIS CG   C  Y N 142 
HIS ND1  N  Y N 143 
HIS CD2  C  Y N 144 
HIS CE1  C  Y N 145 
HIS NE2  N  Y N 146 
HIS OXT  O  N N 147 
HIS H    H  N N 148 
HIS H2   H  N N 149 
HIS HA   H  N N 150 
HIS HB2  H  N N 151 
HIS HB3  H  N N 152 
HIS HD1  H  N N 153 
HIS HD2  H  N N 154 
HIS HE1  H  N N 155 
HIS HE2  H  N N 156 
HIS HXT  H  N N 157 
LEU N    N  N N 158 
LEU CA   C  N S 159 
LEU C    C  N N 160 
LEU O    O  N N 161 
LEU CB   C  N N 162 
LEU CG   C  N N 163 
LEU CD1  C  N N 164 
LEU CD2  C  N N 165 
LEU OXT  O  N N 166 
LEU H    H  N N 167 
LEU H2   H  N N 168 
LEU HA   H  N N 169 
LEU HB2  H  N N 170 
LEU HB3  H  N N 171 
LEU HG   H  N N 172 
LEU HD11 H  N N 173 
LEU HD12 H  N N 174 
LEU HD13 H  N N 175 
LEU HD21 H  N N 176 
LEU HD22 H  N N 177 
LEU HD23 H  N N 178 
LEU HXT  H  N N 179 
LYS N    N  N N 180 
LYS CA   C  N S 181 
LYS C    C  N N 182 
LYS O    O  N N 183 
LYS CB   C  N N 184 
LYS CG   C  N N 185 
LYS CD   C  N N 186 
LYS CE   C  N N 187 
LYS NZ   N  N N 188 
LYS OXT  O  N N 189 
LYS H    H  N N 190 
LYS H2   H  N N 191 
LYS HA   H  N N 192 
LYS HB2  H  N N 193 
LYS HB3  H  N N 194 
LYS HG2  H  N N 195 
LYS HG3  H  N N 196 
LYS HD2  H  N N 197 
LYS HD3  H  N N 198 
LYS HE2  H  N N 199 
LYS HE3  H  N N 200 
LYS HZ1  H  N N 201 
LYS HZ2  H  N N 202 
LYS HZ3  H  N N 203 
LYS HXT  H  N N 204 
MET N    N  N N 205 
MET CA   C  N S 206 
MET C    C  N N 207 
MET O    O  N N 208 
MET CB   C  N N 209 
MET CG   C  N N 210 
MET SD   S  N N 211 
MET CE   C  N N 212 
MET OXT  O  N N 213 
MET H    H  N N 214 
MET H2   H  N N 215 
MET HA   H  N N 216 
MET HB2  H  N N 217 
MET HB3  H  N N 218 
MET HG2  H  N N 219 
MET HG3  H  N N 220 
MET HE1  H  N N 221 
MET HE2  H  N N 222 
MET HE3  H  N N 223 
MET HXT  H  N N 224 
PHE N    N  N N 225 
PHE CA   C  N S 226 
PHE C    C  N N 227 
PHE O    O  N N 228 
PHE CB   C  N N 229 
PHE CG   C  Y N 230 
PHE CD1  C  Y N 231 
PHE CD2  C  Y N 232 
PHE CE1  C  Y N 233 
PHE CE2  C  Y N 234 
PHE CZ   C  Y N 235 
PHE OXT  O  N N 236 
PHE H    H  N N 237 
PHE H2   H  N N 238 
PHE HA   H  N N 239 
PHE HB2  H  N N 240 
PHE HB3  H  N N 241 
PHE HD1  H  N N 242 
PHE HD2  H  N N 243 
PHE HE1  H  N N 244 
PHE HE2  H  N N 245 
PHE HZ   H  N N 246 
PHE HXT  H  N N 247 
PRB C1   C  N N 248 
PRB C2   C  N N 249 
PRB C3   C  N N 250 
PRB O3   O  N N 251 
PRB C4   C  N R 252 
PRB O4   O  N N 253 
PRB C5   C  N N 254 
PRB C6   C  N N 255 
PRB C7   C  N N 256 
PRB C8   C  N S 257 
PRB C9   C  N S 258 
PRB O9   O  N N 259 
PRB C10  C  N S 260 
PRB C11  C  N R 261 
PRB C12  C  N R 262 
PRB O12  O  N N 263 
PRB C13  C  N S 264 
PRB C14  C  N R 265 
PRB C15  C  N N 266 
PRB C16  C  N N 267 
PRB C17  C  N N 268 
PRB C18  C  N N 269 
PRB C19  C  N N 270 
PRB C20  C  N N 271 
PRB O20  O  N N 272 
PRB OA1  O  N N 273 
PRB CA1  C  N N 274 
PRB OA2  O  N N 275 
PRB CA2  C  N N 276 
PRB H1   H  N N 277 
PRB HO4  H  N N 278 
PRB H51  H  N N 279 
PRB H52  H  N N 280 
PRB H7   H  N N 281 
PRB H8   H  N N 282 
PRB HO9  H  N N 283 
PRB H10  H  N N 284 
PRB H11  H  N N 285 
PRB H12  H  N N 286 
PRB HO12 H  N N 287 
PRB H14  H  N N 288 
PRB H161 H  N N 289 
PRB H162 H  N N 290 
PRB H163 H  N N 291 
PRB H171 H  N N 292 
PRB H172 H  N N 293 
PRB H173 H  N N 294 
PRB H181 H  N N 295 
PRB H182 H  N N 296 
PRB H183 H  N N 297 
PRB H191 H  N N 298 
PRB H192 H  N N 299 
PRB H193 H  N N 300 
PRB H201 H  N N 301 
PRB H202 H  N N 302 
PRB HO20 H  N N 303 
PRB HA21 H  N N 304 
PRB HA22 H  N N 305 
PRB HA23 H  N N 306 
PRO N    N  N N 307 
PRO CA   C  N S 308 
PRO C    C  N N 309 
PRO O    O  N N 310 
PRO CB   C  N N 311 
PRO CG   C  N N 312 
PRO CD   C  N N 313 
PRO OXT  O  N N 314 
PRO H    H  N N 315 
PRO HA   H  N N 316 
PRO HB2  H  N N 317 
PRO HB3  H  N N 318 
PRO HG2  H  N N 319 
PRO HG3  H  N N 320 
PRO HD2  H  N N 321 
PRO HD3  H  N N 322 
PRO HXT  H  N N 323 
SER N    N  N N 324 
SER CA   C  N S 325 
SER C    C  N N 326 
SER O    O  N N 327 
SER CB   C  N N 328 
SER OG   O  N N 329 
SER OXT  O  N N 330 
SER H    H  N N 331 
SER H2   H  N N 332 
SER HA   H  N N 333 
SER HB2  H  N N 334 
SER HB3  H  N N 335 
SER HG   H  N N 336 
SER HXT  H  N N 337 
THR N    N  N N 338 
THR CA   C  N S 339 
THR C    C  N N 340 
THR O    O  N N 341 
THR CB   C  N R 342 
THR OG1  O  N N 343 
THR CG2  C  N N 344 
THR OXT  O  N N 345 
THR H    H  N N 346 
THR H2   H  N N 347 
THR HA   H  N N 348 
THR HB   H  N N 349 
THR HG1  H  N N 350 
THR HG21 H  N N 351 
THR HG22 H  N N 352 
THR HG23 H  N N 353 
THR HXT  H  N N 354 
TRP N    N  N N 355 
TRP CA   C  N S 356 
TRP C    C  N N 357 
TRP O    O  N N 358 
TRP CB   C  N N 359 
TRP CG   C  Y N 360 
TRP CD1  C  Y N 361 
TRP CD2  C  Y N 362 
TRP NE1  N  Y N 363 
TRP CE2  C  Y N 364 
TRP CE3  C  Y N 365 
TRP CZ2  C  Y N 366 
TRP CZ3  C  Y N 367 
TRP CH2  C  Y N 368 
TRP OXT  O  N N 369 
TRP H    H  N N 370 
TRP H2   H  N N 371 
TRP HA   H  N N 372 
TRP HB2  H  N N 373 
TRP HB3  H  N N 374 
TRP HD1  H  N N 375 
TRP HE1  H  N N 376 
TRP HE3  H  N N 377 
TRP HZ2  H  N N 378 
TRP HZ3  H  N N 379 
TRP HH2  H  N N 380 
TRP HXT  H  N N 381 
TYR N    N  N N 382 
TYR CA   C  N S 383 
TYR C    C  N N 384 
TYR O    O  N N 385 
TYR CB   C  N N 386 
TYR CG   C  Y N 387 
TYR CD1  C  Y N 388 
TYR CD2  C  Y N 389 
TYR CE1  C  Y N 390 
TYR CE2  C  Y N 391 
TYR CZ   C  Y N 392 
TYR OH   O  N N 393 
TYR OXT  O  N N 394 
TYR H    H  N N 395 
TYR H2   H  N N 396 
TYR HA   H  N N 397 
TYR HB2  H  N N 398 
TYR HB3  H  N N 399 
TYR HD1  H  N N 400 
TYR HD2  H  N N 401 
TYR HE1  H  N N 402 
TYR HE2  H  N N 403 
TYR HH   H  N N 404 
TYR HXT  H  N N 405 
VAL N    N  N N 406 
VAL CA   C  N S 407 
VAL C    C  N N 408 
VAL O    O  N N 409 
VAL CB   C  N N 410 
VAL CG1  C  N N 411 
VAL CG2  C  N N 412 
VAL OXT  O  N N 413 
VAL H    H  N N 414 
VAL H2   H  N N 415 
VAL HA   H  N N 416 
VAL HB   H  N N 417 
VAL HG11 H  N N 418 
VAL HG12 H  N N 419 
VAL HG13 H  N N 420 
VAL HG21 H  N N 421 
VAL HG22 H  N N 422 
VAL HG23 H  N N 423 
VAL HXT  H  N N 424 
ZN  ZN   ZN N N 425 
# 
loop_
_chem_comp_bond.comp_id 
_chem_comp_bond.atom_id_1 
_chem_comp_bond.atom_id_2 
_chem_comp_bond.value_order 
_chem_comp_bond.pdbx_aromatic_flag 
_chem_comp_bond.pdbx_stereo_config 
_chem_comp_bond.pdbx_ordinal 
ALA N   CA   sing N N 1   
ALA N   H    sing N N 2   
ALA N   H2   sing N N 3   
ALA CA  C    sing N N 4   
ALA CA  CB   sing N N 5   
ALA CA  HA   sing N N 6   
ALA C   O    doub N N 7   
ALA C   OXT  sing N N 8   
ALA CB  HB1  sing N N 9   
ALA CB  HB2  sing N N 10  
ALA CB  HB3  sing N N 11  
ALA OXT HXT  sing N N 12  
ARG N   CA   sing N N 13  
ARG N   H    sing N N 14  
ARG N   H2   sing N N 15  
ARG CA  C    sing N N 16  
ARG CA  CB   sing N N 17  
ARG CA  HA   sing N N 18  
ARG C   O    doub N N 19  
ARG C   OXT  sing N N 20  
ARG CB  CG   sing N N 21  
ARG CB  HB2  sing N N 22  
ARG CB  HB3  sing N N 23  
ARG CG  CD   sing N N 24  
ARG CG  HG2  sing N N 25  
ARG CG  HG3  sing N N 26  
ARG CD  NE   sing N N 27  
ARG CD  HD2  sing N N 28  
ARG CD  HD3  sing N N 29  
ARG NE  CZ   sing N N 30  
ARG NE  HE   sing N N 31  
ARG CZ  NH1  sing N N 32  
ARG CZ  NH2  doub N N 33  
ARG NH1 HH11 sing N N 34  
ARG NH1 HH12 sing N N 35  
ARG NH2 HH21 sing N N 36  
ARG NH2 HH22 sing N N 37  
ARG OXT HXT  sing N N 38  
ASN N   CA   sing N N 39  
ASN N   H    sing N N 40  
ASN N   H2   sing N N 41  
ASN CA  C    sing N N 42  
ASN CA  CB   sing N N 43  
ASN CA  HA   sing N N 44  
ASN C   O    doub N N 45  
ASN C   OXT  sing N N 46  
ASN CB  CG   sing N N 47  
ASN CB  HB2  sing N N 48  
ASN CB  HB3  sing N N 49  
ASN CG  OD1  doub N N 50  
ASN CG  ND2  sing N N 51  
ASN ND2 HD21 sing N N 52  
ASN ND2 HD22 sing N N 53  
ASN OXT HXT  sing N N 54  
ASP N   CA   sing N N 55  
ASP N   H    sing N N 56  
ASP N   H2   sing N N 57  
ASP CA  C    sing N N 58  
ASP CA  CB   sing N N 59  
ASP CA  HA   sing N N 60  
ASP C   O    doub N N 61  
ASP C   OXT  sing N N 62  
ASP CB  CG   sing N N 63  
ASP CB  HB2  sing N N 64  
ASP CB  HB3  sing N N 65  
ASP CG  OD1  doub N N 66  
ASP CG  OD2  sing N N 67  
ASP OD2 HD2  sing N N 68  
ASP OXT HXT  sing N N 69  
CYS N   CA   sing N N 70  
CYS N   H    sing N N 71  
CYS N   H2   sing N N 72  
CYS CA  C    sing N N 73  
CYS CA  CB   sing N N 74  
CYS CA  HA   sing N N 75  
CYS C   O    doub N N 76  
CYS C   OXT  sing N N 77  
CYS CB  SG   sing N N 78  
CYS CB  HB2  sing N N 79  
CYS CB  HB3  sing N N 80  
CYS SG  HG   sing N N 81  
CYS OXT HXT  sing N N 82  
GLN N   CA   sing N N 83  
GLN N   H    sing N N 84  
GLN N   H2   sing N N 85  
GLN CA  C    sing N N 86  
GLN CA  CB   sing N N 87  
GLN CA  HA   sing N N 88  
GLN C   O    doub N N 89  
GLN C   OXT  sing N N 90  
GLN CB  CG   sing N N 91  
GLN CB  HB2  sing N N 92  
GLN CB  HB3  sing N N 93  
GLN CG  CD   sing N N 94  
GLN CG  HG2  sing N N 95  
GLN CG  HG3  sing N N 96  
GLN CD  OE1  doub N N 97  
GLN CD  NE2  sing N N 98  
GLN NE2 HE21 sing N N 99  
GLN NE2 HE22 sing N N 100 
GLN OXT HXT  sing N N 101 
GLU N   CA   sing N N 102 
GLU N   H    sing N N 103 
GLU N   H2   sing N N 104 
GLU CA  C    sing N N 105 
GLU CA  CB   sing N N 106 
GLU CA  HA   sing N N 107 
GLU C   O    doub N N 108 
GLU C   OXT  sing N N 109 
GLU CB  CG   sing N N 110 
GLU CB  HB2  sing N N 111 
GLU CB  HB3  sing N N 112 
GLU CG  CD   sing N N 113 
GLU CG  HG2  sing N N 114 
GLU CG  HG3  sing N N 115 
GLU CD  OE1  doub N N 116 
GLU CD  OE2  sing N N 117 
GLU OE2 HE2  sing N N 118 
GLU OXT HXT  sing N N 119 
GLY N   CA   sing N N 120 
GLY N   H    sing N N 121 
GLY N   H2   sing N N 122 
GLY CA  C    sing N N 123 
GLY CA  HA2  sing N N 124 
GLY CA  HA3  sing N N 125 
GLY C   O    doub N N 126 
GLY C   OXT  sing N N 127 
GLY OXT HXT  sing N N 128 
HIS N   CA   sing N N 129 
HIS N   H    sing N N 130 
HIS N   H2   sing N N 131 
HIS CA  C    sing N N 132 
HIS CA  CB   sing N N 133 
HIS CA  HA   sing N N 134 
HIS C   O    doub N N 135 
HIS C   OXT  sing N N 136 
HIS CB  CG   sing N N 137 
HIS CB  HB2  sing N N 138 
HIS CB  HB3  sing N N 139 
HIS CG  ND1  sing Y N 140 
HIS CG  CD2  doub Y N 141 
HIS ND1 CE1  doub Y N 142 
HIS ND1 HD1  sing N N 143 
HIS CD2 NE2  sing Y N 144 
HIS CD2 HD2  sing N N 145 
HIS CE1 NE2  sing Y N 146 
HIS CE1 HE1  sing N N 147 
HIS NE2 HE2  sing N N 148 
HIS OXT HXT  sing N N 149 
LEU N   CA   sing N N 150 
LEU N   H    sing N N 151 
LEU N   H2   sing N N 152 
LEU CA  C    sing N N 153 
LEU CA  CB   sing N N 154 
LEU CA  HA   sing N N 155 
LEU C   O    doub N N 156 
LEU C   OXT  sing N N 157 
LEU CB  CG   sing N N 158 
LEU CB  HB2  sing N N 159 
LEU CB  HB3  sing N N 160 
LEU CG  CD1  sing N N 161 
LEU CG  CD2  sing N N 162 
LEU CG  HG   sing N N 163 
LEU CD1 HD11 sing N N 164 
LEU CD1 HD12 sing N N 165 
LEU CD1 HD13 sing N N 166 
LEU CD2 HD21 sing N N 167 
LEU CD2 HD22 sing N N 168 
LEU CD2 HD23 sing N N 169 
LEU OXT HXT  sing N N 170 
LYS N   CA   sing N N 171 
LYS N   H    sing N N 172 
LYS N   H2   sing N N 173 
LYS CA  C    sing N N 174 
LYS CA  CB   sing N N 175 
LYS CA  HA   sing N N 176 
LYS C   O    doub N N 177 
LYS C   OXT  sing N N 178 
LYS CB  CG   sing N N 179 
LYS CB  HB2  sing N N 180 
LYS CB  HB3  sing N N 181 
LYS CG  CD   sing N N 182 
LYS CG  HG2  sing N N 183 
LYS CG  HG3  sing N N 184 
LYS CD  CE   sing N N 185 
LYS CD  HD2  sing N N 186 
LYS CD  HD3  sing N N 187 
LYS CE  NZ   sing N N 188 
LYS CE  HE2  sing N N 189 
LYS CE  HE3  sing N N 190 
LYS NZ  HZ1  sing N N 191 
LYS NZ  HZ2  sing N N 192 
LYS NZ  HZ3  sing N N 193 
LYS OXT HXT  sing N N 194 
MET N   CA   sing N N 195 
MET N   H    sing N N 196 
MET N   H2   sing N N 197 
MET CA  C    sing N N 198 
MET CA  CB   sing N N 199 
MET CA  HA   sing N N 200 
MET C   O    doub N N 201 
MET C   OXT  sing N N 202 
MET CB  CG   sing N N 203 
MET CB  HB2  sing N N 204 
MET CB  HB3  sing N N 205 
MET CG  SD   sing N N 206 
MET CG  HG2  sing N N 207 
MET CG  HG3  sing N N 208 
MET SD  CE   sing N N 209 
MET CE  HE1  sing N N 210 
MET CE  HE2  sing N N 211 
MET CE  HE3  sing N N 212 
MET OXT HXT  sing N N 213 
PHE N   CA   sing N N 214 
PHE N   H    sing N N 215 
PHE N   H2   sing N N 216 
PHE CA  C    sing N N 217 
PHE CA  CB   sing N N 218 
PHE CA  HA   sing N N 219 
PHE C   O    doub N N 220 
PHE C   OXT  sing N N 221 
PHE CB  CG   sing N N 222 
PHE CB  HB2  sing N N 223 
PHE CB  HB3  sing N N 224 
PHE CG  CD1  doub Y N 225 
PHE CG  CD2  sing Y N 226 
PHE CD1 CE1  sing Y N 227 
PHE CD1 HD1  sing N N 228 
PHE CD2 CE2  doub Y N 229 
PHE CD2 HD2  sing N N 230 
PHE CE1 CZ   doub Y N 231 
PHE CE1 HE1  sing N N 232 
PHE CE2 CZ   sing Y N 233 
PHE CE2 HE2  sing N N 234 
PHE CZ  HZ   sing N N 235 
PHE OXT HXT  sing N N 236 
PRB C1  C2   doub N N 237 
PRB C1  C10  sing N N 238 
PRB C1  H1   sing N N 239 
PRB C2  C3   sing N N 240 
PRB C2  C19  sing N N 241 
PRB C3  O3   doub N N 242 
PRB C3  C4   sing N N 243 
PRB C4  O4   sing N N 244 
PRB C4  C5   sing N N 245 
PRB C4  C10  sing N N 246 
PRB O4  HO4  sing N N 247 
PRB C5  C6   sing N N 248 
PRB C5  H51  sing N N 249 
PRB C5  H52  sing N N 250 
PRB C6  C7   doub N N 251 
PRB C6  C20  sing N N 252 
PRB C7  C8   sing N N 253 
PRB C7  H7   sing N N 254 
PRB C8  C9   sing N N 255 
PRB C8  C14  sing N N 256 
PRB C8  H8   sing N N 257 
PRB C9  O9   sing N N 258 
PRB C9  C10  sing N N 259 
PRB C9  C11  sing N N 260 
PRB O9  HO9  sing N N 261 
PRB C10 H10  sing N N 262 
PRB C11 C12  sing N N 263 
PRB C11 C18  sing N N 264 
PRB C11 H11  sing N N 265 
PRB C12 O12  sing N N 266 
PRB C12 C13  sing N N 267 
PRB C12 H12  sing N N 268 
PRB O12 HO12 sing N N 269 
PRB C13 C14  sing N N 270 
PRB C13 C15  sing N N 271 
PRB C13 OA1  sing N N 272 
PRB C14 C15  sing N N 273 
PRB C14 H14  sing N N 274 
PRB C15 C16  sing N N 275 
PRB C15 C17  sing N N 276 
PRB C16 H161 sing N N 277 
PRB C16 H162 sing N N 278 
PRB C16 H163 sing N N 279 
PRB C17 H171 sing N N 280 
PRB C17 H172 sing N N 281 
PRB C17 H173 sing N N 282 
PRB C18 H181 sing N N 283 
PRB C18 H182 sing N N 284 
PRB C18 H183 sing N N 285 
PRB C19 H191 sing N N 286 
PRB C19 H192 sing N N 287 
PRB C19 H193 sing N N 288 
PRB C20 O20  sing N N 289 
PRB C20 H201 sing N N 290 
PRB C20 H202 sing N N 291 
PRB O20 HO20 sing N N 292 
PRB OA1 CA1  sing N N 293 
PRB CA1 OA2  doub N N 294 
PRB CA1 CA2  sing N N 295 
PRB CA2 HA21 sing N N 296 
PRB CA2 HA22 sing N N 297 
PRB CA2 HA23 sing N N 298 
PRO N   CA   sing N N 299 
PRO N   CD   sing N N 300 
PRO N   H    sing N N 301 
PRO CA  C    sing N N 302 
PRO CA  CB   sing N N 303 
PRO CA  HA   sing N N 304 
PRO C   O    doub N N 305 
PRO C   OXT  sing N N 306 
PRO CB  CG   sing N N 307 
PRO CB  HB2  sing N N 308 
PRO CB  HB3  sing N N 309 
PRO CG  CD   sing N N 310 
PRO CG  HG2  sing N N 311 
PRO CG  HG3  sing N N 312 
PRO CD  HD2  sing N N 313 
PRO CD  HD3  sing N N 314 
PRO OXT HXT  sing N N 315 
SER N   CA   sing N N 316 
SER N   H    sing N N 317 
SER N   H2   sing N N 318 
SER CA  C    sing N N 319 
SER CA  CB   sing N N 320 
SER CA  HA   sing N N 321 
SER C   O    doub N N 322 
SER C   OXT  sing N N 323 
SER CB  OG   sing N N 324 
SER CB  HB2  sing N N 325 
SER CB  HB3  sing N N 326 
SER OG  HG   sing N N 327 
SER OXT HXT  sing N N 328 
THR N   CA   sing N N 329 
THR N   H    sing N N 330 
THR N   H2   sing N N 331 
THR CA  C    sing N N 332 
THR CA  CB   sing N N 333 
THR CA  HA   sing N N 334 
THR C   O    doub N N 335 
THR C   OXT  sing N N 336 
THR CB  OG1  sing N N 337 
THR CB  CG2  sing N N 338 
THR CB  HB   sing N N 339 
THR OG1 HG1  sing N N 340 
THR CG2 HG21 sing N N 341 
THR CG2 HG22 sing N N 342 
THR CG2 HG23 sing N N 343 
THR OXT HXT  sing N N 344 
TRP N   CA   sing N N 345 
TRP N   H    sing N N 346 
TRP N   H2   sing N N 347 
TRP CA  C    sing N N 348 
TRP CA  CB   sing N N 349 
TRP CA  HA   sing N N 350 
TRP C   O    doub N N 351 
TRP C   OXT  sing N N 352 
TRP CB  CG   sing N N 353 
TRP CB  HB2  sing N N 354 
TRP CB  HB3  sing N N 355 
TRP CG  CD1  doub Y N 356 
TRP CG  CD2  sing Y N 357 
TRP CD1 NE1  sing Y N 358 
TRP CD1 HD1  sing N N 359 
TRP CD2 CE2  doub Y N 360 
TRP CD2 CE3  sing Y N 361 
TRP NE1 CE2  sing Y N 362 
TRP NE1 HE1  sing N N 363 
TRP CE2 CZ2  sing Y N 364 
TRP CE3 CZ3  doub Y N 365 
TRP CE3 HE3  sing N N 366 
TRP CZ2 CH2  doub Y N 367 
TRP CZ2 HZ2  sing N N 368 
TRP CZ3 CH2  sing Y N 369 
TRP CZ3 HZ3  sing N N 370 
TRP CH2 HH2  sing N N 371 
TRP OXT HXT  sing N N 372 
TYR N   CA   sing N N 373 
TYR N   H    sing N N 374 
TYR N   H2   sing N N 375 
TYR CA  C    sing N N 376 
TYR CA  CB   sing N N 377 
TYR CA  HA   sing N N 378 
TYR C   O    doub N N 379 
TYR C   OXT  sing N N 380 
TYR CB  CG   sing N N 381 
TYR CB  HB2  sing N N 382 
TYR CB  HB3  sing N N 383 
TYR CG  CD1  doub Y N 384 
TYR CG  CD2  sing Y N 385 
TYR CD1 CE1  sing Y N 386 
TYR CD1 HD1  sing N N 387 
TYR CD2 CE2  doub Y N 388 
TYR CD2 HD2  sing N N 389 
TYR CE1 CZ   doub Y N 390 
TYR CE1 HE1  sing N N 391 
TYR CE2 CZ   sing Y N 392 
TYR CE2 HE2  sing N N 393 
TYR CZ  OH   sing N N 394 
TYR OH  HH   sing N N 395 
TYR OXT HXT  sing N N 396 
VAL N   CA   sing N N 397 
VAL N   H    sing N N 398 
VAL N   H2   sing N N 399 
VAL CA  C    sing N N 400 
VAL CA  CB   sing N N 401 
VAL CA  HA   sing N N 402 
VAL C   O    doub N N 403 
VAL C   OXT  sing N N 404 
VAL CB  CG1  sing N N 405 
VAL CB  CG2  sing N N 406 
VAL CB  HB   sing N N 407 
VAL CG1 HG11 sing N N 408 
VAL CG1 HG12 sing N N 409 
VAL CG1 HG13 sing N N 410 
VAL CG2 HG21 sing N N 411 
VAL CG2 HG22 sing N N 412 
VAL CG2 HG23 sing N N 413 
VAL OXT HXT  sing N N 414 
# 
_atom_sites.entry_id                    1PTR 
_atom_sites.fract_transf_matrix[1][1]   0.00524204 
_atom_sites.fract_transf_matrix[1][2]   -0.03019922 
_atom_sites.fract_transf_matrix[1][3]   0.00362145 
_atom_sites.fract_transf_matrix[2][1]   0.01256574 
_atom_sites.fract_transf_matrix[2][2]   0.00104988 
_atom_sites.fract_transf_matrix[2][3]   -0.00943395 
_atom_sites.fract_transf_matrix[3][1]   0.00882939 
_atom_sites.fract_transf_matrix[3][2]   0.00298273 
_atom_sites.fract_transf_matrix[3][3]   0.01209242 
_atom_sites.fract_transf_vector[1]      0.453478 
_atom_sites.fract_transf_vector[2]      0.306736 
_atom_sites.fract_transf_vector[3]      0.549260 
# 
loop_
_atom_type.symbol 
C  
N  
O  
S  
ZN 
# 
loop_
_atom_site.group_PDB 
_atom_site.id 
_atom_site.type_symbol 
_atom_site.label_atom_id 
_atom_site.label_alt_id 
_atom_site.label_comp_id 
_atom_site.label_asym_id 
_atom_site.label_entity_id 
_atom_site.label_seq_id 
_atom_site.pdbx_PDB_ins_code 
_atom_site.Cartn_x 
_atom_site.Cartn_y 
_atom_site.Cartn_z 
_atom_site.occupancy 
_atom_site.B_iso_or_equiv 
_atom_site.pdbx_formal_charge 
_atom_site.auth_seq_id 
_atom_site.auth_comp_id 
_atom_site.auth_asym_id 
_atom_site.auth_atom_id 
_atom_site.pdbx_PDB_model_num 
ATOM   1   N  N   . HIS A 1 1  ? 5.312   -3.500 10.260  1.00 19.46 ? 231 HIS A N   1 
ATOM   2   C  CA  . HIS A 1 1  ? 5.485   -3.188 8.847   1.00 17.31 ? 231 HIS A CA  1 
ATOM   3   C  C   . HIS A 1 1  ? 6.450   -2.047 8.576   1.00 17.89 ? 231 HIS A C   1 
ATOM   4   O  O   . HIS A 1 1  ? 6.549   -1.076 9.326   1.00 20.97 ? 231 HIS A O   1 
ATOM   5   C  CB  . HIS A 1 1  ? 4.162   -2.837 8.193   1.00 11.40 ? 231 HIS A CB  1 
ATOM   6   C  CG  . HIS A 1 1  ? 3.122   -3.947 8.240   1.00 12.36 ? 231 HIS A CG  1 
ATOM   7   N  ND1 . HIS A 1 1  ? 3.084   -5.013 7.439   1.00 9.19  ? 231 HIS A ND1 1 
ATOM   8   C  CD2 . HIS A 1 1  ? 1.987   -3.828 8.981   1.00 12.88 ? 231 HIS A CD2 1 
ATOM   9   C  CE1 . HIS A 1 1  ? 1.909   -5.547 7.669   1.00 13.35 ? 231 HIS A CE1 1 
ATOM   10  N  NE2 . HIS A 1 1  ? 1.269   -4.842 8.579   1.00 10.70 ? 231 HIS A NE2 1 
ATOM   11  N  N   . ARG A 1 2  ? 7.157   -2.194 7.475   1.00 16.92 ? 232 ARG A N   1 
ATOM   12  C  CA  . ARG A 1 2  ? 8.098   -1.204 7.001   1.00 17.64 ? 232 ARG A CA  1 
ATOM   13  C  C   . ARG A 1 2  ? 7.536   -0.672 5.674   1.00 15.90 ? 232 ARG A C   1 
ATOM   14  O  O   . ARG A 1 2  ? 7.934   -1.132 4.598   1.00 13.60 ? 232 ARG A O   1 
ATOM   15  C  CB  . ARG A 1 2  ? 9.393   -1.980 6.882   1.00 18.22 ? 232 ARG A CB  1 
ATOM   16  C  CG  . ARG A 1 2  ? 10.677  -1.209 6.902   1.00 22.80 ? 232 ARG A CG  1 
ATOM   17  C  CD  . ARG A 1 2  ? 11.717  -2.076 7.623   1.00 25.83 ? 232 ARG A CD  1 
ATOM   18  N  NE  . ARG A 1 2  ? 12.058  -3.319 6.945   1.00 27.56 ? 232 ARG A NE  1 
ATOM   19  C  CZ  . ARG A 1 2  ? 12.854  -3.362 5.872   1.00 27.42 ? 232 ARG A CZ  1 
ATOM   20  N  NH1 . ARG A 1 2  ? 13.383  -2.273 5.308   1.00 31.10 ? 232 ARG A NH1 1 
ATOM   21  N  NH2 . ARG A 1 2  ? 13.116  -4.538 5.328   1.00 28.41 ? 232 ARG A NH2 1 
ATOM   22  N  N   . PHE A 1 3  ? 6.533   0.203  5.706   1.00 14.68 ? 233 PHE A N   1 
ATOM   23  C  CA  . PHE A 1 3  ? 5.894   0.732  4.513   1.00 13.03 ? 233 PHE A CA  1 
ATOM   24  C  C   . PHE A 1 3  ? 6.648   1.843  3.853   1.00 13.52 ? 233 PHE A C   1 
ATOM   25  O  O   . PHE A 1 3  ? 6.924   2.873  4.474   1.00 15.19 ? 233 PHE A O   1 
ATOM   26  C  CB  . PHE A 1 3  ? 4.544   1.281  4.811   1.00 9.12  ? 233 PHE A CB  1 
ATOM   27  C  CG  . PHE A 1 3  ? 3.486   0.233  5.024   1.00 7.50  ? 233 PHE A CG  1 
ATOM   28  C  CD1 . PHE A 1 3  ? 3.116   -0.586 3.953   1.00 10.11 ? 233 PHE A CD1 1 
ATOM   29  C  CD2 . PHE A 1 3  ? 2.863   0.122  6.264   1.00 9.15  ? 233 PHE A CD2 1 
ATOM   30  C  CE1 . PHE A 1 3  ? 2.114   -1.525 4.115   1.00 5.02  ? 233 PHE A CE1 1 
ATOM   31  C  CE2 . PHE A 1 3  ? 1.852   -0.823 6.412   1.00 11.04 ? 233 PHE A CE2 1 
ATOM   32  C  CZ  . PHE A 1 3  ? 1.480   -1.640 5.341   1.00 6.36  ? 233 PHE A CZ  1 
ATOM   33  N  N   . LYS A 1 4  ? 6.969   1.668  2.580   1.00 13.19 ? 234 LYS A N   1 
ATOM   34  C  CA  . LYS A 1 4  ? 7.633   2.714  1.833   1.00 13.71 ? 234 LYS A CA  1 
ATOM   35  C  C   . LYS A 1 4  ? 6.835   2.911  0.555   1.00 15.46 ? 234 LYS A C   1 
ATOM   36  O  O   . LYS A 1 4  ? 6.158   1.998  0.056   1.00 14.95 ? 234 LYS A O   1 
ATOM   37  C  CB  . LYS A 1 4  ? 9.074   2.308  1.506   1.00 13.21 ? 234 LYS A CB  1 
ATOM   38  N  N   . VAL A 1 5  ? 6.831   4.170  0.098   1.00 15.46 ? 235 VAL A N   1 
ATOM   39  C  CA  . VAL A 1 5  ? 6.047   4.540  -1.063  1.00 14.88 ? 235 VAL A CA  1 
ATOM   40  C  C   . VAL A 1 5  ? 6.539   3.739  -2.250  1.00 14.27 ? 235 VAL A C   1 
ATOM   41  O  O   . VAL A 1 5  ? 7.740   3.493  -2.415  1.00 15.43 ? 235 VAL A O   1 
ATOM   42  C  CB  . VAL A 1 5  ? 6.160   6.078  -1.324  1.00 14.66 ? 235 VAL A CB  1 
ATOM   43  C  CG1 . VAL A 1 5  ? 7.526   6.491  -1.844  1.00 19.01 ? 235 VAL A CG1 1 
ATOM   44  C  CG2 . VAL A 1 5  ? 5.142   6.451  -2.372  1.00 12.92 ? 235 VAL A CG2 1 
ATOM   45  N  N   . TYR A 1 6  ? 5.598   3.345  -3.088  1.00 14.79 ? 236 TYR A N   1 
ATOM   46  C  CA  . TYR A 1 6  ? 5.957   2.531  -4.219  1.00 14.80 ? 236 TYR A CA  1 
ATOM   47  C  C   . TYR A 1 6  ? 5.200   3.123  -5.381  1.00 13.99 ? 236 TYR A C   1 
ATOM   48  O  O   . TYR A 1 6  ? 4.107   3.672  -5.211  1.00 14.00 ? 236 TYR A O   1 
ATOM   49  C  CB  . TYR A 1 6  ? 5.546   1.087  -3.870  1.00 13.80 ? 236 TYR A CB  1 
ATOM   50  C  CG  . TYR A 1 6  ? 6.167   0.005  -4.740  1.00 13.79 ? 236 TYR A CG  1 
ATOM   51  C  CD1 . TYR A 1 6  ? 5.483   -0.373 -5.894  1.00 15.38 ? 236 TYR A CD1 1 
ATOM   52  C  CD2 . TYR A 1 6  ? 7.384   -0.610 -4.400  1.00 11.14 ? 236 TYR A CD2 1 
ATOM   53  C  CE1 . TYR A 1 6  ? 5.991   -1.363 -6.717  1.00 10.51 ? 236 TYR A CE1 1 
ATOM   54  C  CE2 . TYR A 1 6  ? 7.901   -1.604 -5.232  1.00 8.55  ? 236 TYR A CE2 1 
ATOM   55  C  CZ  . TYR A 1 6  ? 7.189   -1.961 -6.373  1.00 9.46  ? 236 TYR A CZ  1 
ATOM   56  O  OH  . TYR A 1 6  ? 7.628   -2.947 -7.213  1.00 19.99 ? 236 TYR A OH  1 
ATOM   57  N  N   . ASN A 1 7  ? 5.813   3.032  -6.550  1.00 14.42 ? 237 ASN A N   1 
ATOM   58  C  CA  . ASN A 1 7  ? 5.210   3.465  -7.794  1.00 17.29 ? 237 ASN A CA  1 
ATOM   59  C  C   . ASN A 1 7  ? 4.877   2.159  -8.478  1.00 18.77 ? 237 ASN A C   1 
ATOM   60  O  O   . ASN A 1 7  ? 5.762   1.350  -8.763  1.00 19.27 ? 237 ASN A O   1 
ATOM   61  C  CB  . ASN A 1 7  ? 6.187   4.233  -8.671  1.00 20.30 ? 237 ASN A CB  1 
ATOM   62  C  CG  . ASN A 1 7  ? 6.835   5.403  -7.952  1.00 21.46 ? 237 ASN A CG  1 
ATOM   63  O  OD1 . ASN A 1 7  ? 6.202   6.068  -7.132  1.00 23.81 ? 237 ASN A OD1 1 
ATOM   64  N  ND2 . ASN A 1 7  ? 8.097   5.696  -8.192  1.00 19.82 ? 237 ASN A ND2 1 
ATOM   65  N  N   . TYR A 1 8  ? 3.601   1.914  -8.729  1.00 21.06 ? 238 TYR A N   1 
ATOM   66  C  CA  . TYR A 1 8  ? 3.137   0.640  -9.246  1.00 20.53 ? 238 TYR A CA  1 
ATOM   67  C  C   . TYR A 1 8  ? 3.016   0.693  -10.741 1.00 19.90 ? 238 TYR A C   1 
ATOM   68  O  O   . TYR A 1 8  ? 2.685   1.714  -11.352 1.00 17.89 ? 238 TYR A O   1 
ATOM   69  C  CB  . TYR A 1 8  ? 1.787   0.267  -8.641  1.00 17.70 ? 238 TYR A CB  1 
ATOM   70  C  CG  . TYR A 1 8  ? 1.879   0.054  -7.139  1.00 16.64 ? 238 TYR A CG  1 
ATOM   71  C  CD1 . TYR A 1 8  ? 1.884   1.153  -6.286  1.00 15.62 ? 238 TYR A CD1 1 
ATOM   72  C  CD2 . TYR A 1 8  ? 1.968   -1.233 -6.617  1.00 17.88 ? 238 TYR A CD2 1 
ATOM   73  C  CE1 . TYR A 1 8  ? 1.976   0.971  -4.909  1.00 18.67 ? 238 TYR A CE1 1 
ATOM   74  C  CE2 . TYR A 1 8  ? 2.055   -1.424 -5.239  1.00 17.71 ? 238 TYR A CE2 1 
ATOM   75  C  CZ  . TYR A 1 8  ? 2.062   -0.316 -4.390  1.00 19.40 ? 238 TYR A CZ  1 
ATOM   76  O  OH  . TYR A 1 8  ? 2.153   -0.482 -3.019  1.00 16.89 ? 238 TYR A OH  1 
ATOM   77  N  N   . MET A 1 9  ? 3.360   -0.473 -11.270 1.00 20.10 ? 239 MET A N   1 
ATOM   78  C  CA  . MET A 1 9  ? 3.432   -0.679 -12.696 1.00 19.84 ? 239 MET A CA  1 
ATOM   79  C  C   . MET A 1 9  ? 2.203   -1.312 -13.309 1.00 18.58 ? 239 MET A C   1 
ATOM   80  O  O   . MET A 1 9  ? 2.046   -1.274 -14.524 1.00 20.46 ? 239 MET A O   1 
ATOM   81  C  CB  . MET A 1 9  ? 4.664   -1.521 -13.023 1.00 17.24 ? 239 MET A CB  1 
ATOM   82  C  CG  . MET A 1 9  ? 5.946   -0.811 -12.642 1.00 16.48 ? 239 MET A CG  1 
ATOM   83  S  SD  . MET A 1 9  ? 5.987   0.912  -13.179 1.00 19.74 ? 239 MET A SD  1 
ATOM   84  C  CE  . MET A 1 9  ? 5.821   0.787  -14.931 1.00 16.87 ? 239 MET A CE  1 
ATOM   85  N  N   . SER A 1 10 ? 1.320   -1.902 -12.520 1.00 17.94 ? 240 SER A N   1 
ATOM   86  C  CA  . SER A 1 10 ? 0.070   -2.428 -13.034 1.00 17.54 ? 240 SER A CA  1 
ATOM   87  C  C   . SER A 1 10 ? -0.952  -2.209 -11.934 1.00 15.33 ? 240 SER A C   1 
ATOM   88  O  O   . SER A 1 10 ? -0.539  -1.971 -10.792 1.00 15.80 ? 240 SER A O   1 
ATOM   89  C  CB  . SER A 1 10 ? 0.240   -3.899 -13.356 1.00 18.21 ? 240 SER A CB  1 
ATOM   90  O  OG  . SER A 1 10 ? 0.698   -4.627 -12.229 1.00 23.20 ? 240 SER A OG  1 
ATOM   91  N  N   . PRO A 1 11 ? -2.258  -2.197 -12.185 1.00 13.50 ? 241 PRO A N   1 
ATOM   92  C  CA  . PRO A 1 11 ? -3.254  -1.929 -11.165 1.00 15.09 ? 241 PRO A CA  1 
ATOM   93  C  C   . PRO A 1 11 ? -3.210  -2.895 -9.995  1.00 16.04 ? 241 PRO A C   1 
ATOM   94  O  O   . PRO A 1 11 ? -3.374  -4.116 -10.132 1.00 16.66 ? 241 PRO A O   1 
ATOM   95  C  CB  . PRO A 1 11 ? -4.567  -1.942 -11.905 1.00 14.49 ? 241 PRO A CB  1 
ATOM   96  C  CG  . PRO A 1 11 ? -4.278  -2.700 -13.182 1.00 15.05 ? 241 PRO A CG  1 
ATOM   97  C  CD  . PRO A 1 11 ? -2.857  -2.303 -13.502 1.00 12.50 ? 241 PRO A CD  1 
ATOM   98  N  N   . THR A 1 12 ? -2.937  -2.269 -8.855  1.00 15.79 ? 242 THR A N   1 
ATOM   99  C  CA  . THR A 1 12 ? -2.754  -2.891 -7.563  1.00 12.76 ? 242 THR A CA  1 
ATOM   100 C  C   . THR A 1 12 ? -3.812  -2.305 -6.637  1.00 12.94 ? 242 THR A C   1 
ATOM   101 O  O   . THR A 1 12 ? -4.201  -1.135 -6.722  1.00 11.22 ? 242 THR A O   1 
ATOM   102 C  CB  . THR A 1 12 ? -1.356  -2.565 -7.052  1.00 10.04 ? 242 THR A CB  1 
ATOM   103 O  OG1 . THR A 1 12 ? -0.486  -2.815 -8.143  1.00 12.32 ? 242 THR A OG1 1 
ATOM   104 C  CG2 . THR A 1 12 ? -0.899  -3.417 -5.870  1.00 9.88  ? 242 THR A CG2 1 
ATOM   105 N  N   . PHE A 1 13 ? -4.328  -3.142 -5.758  1.00 11.05 ? 243 PHE A N   1 
ATOM   106 C  CA  . PHE A 1 13 ? -5.334  -2.732 -4.821  1.00 11.35 ? 243 PHE A CA  1 
ATOM   107 C  C   . PHE A 1 13 ? -4.726  -2.681 -3.455  1.00 11.80 ? 243 PHE A C   1 
ATOM   108 O  O   . PHE A 1 13 ? -3.674  -3.237 -3.126  1.00 10.87 ? 243 PHE A O   1 
ATOM   109 C  CB  . PHE A 1 13 ? -6.483  -3.698 -4.798  1.00 10.96 ? 243 PHE A CB  1 
ATOM   110 C  CG  . PHE A 1 13 ? -7.180  -3.671 -6.143  1.00 15.54 ? 243 PHE A CG  1 
ATOM   111 C  CD1 . PHE A 1 13 ? -6.603  -4.312 -7.250  1.00 15.65 ? 243 PHE A CD1 1 
ATOM   112 C  CD2 . PHE A 1 13 ? -8.401  -3.009 -6.257  1.00 15.72 ? 243 PHE A CD2 1 
ATOM   113 C  CE1 . PHE A 1 13 ? -7.253  -4.285 -8.474  1.00 21.27 ? 243 PHE A CE1 1 
ATOM   114 C  CE2 . PHE A 1 13 ? -9.048  -2.990 -7.487  1.00 21.68 ? 243 PHE A CE2 1 
ATOM   115 C  CZ  . PHE A 1 13 ? -8.480  -3.624 -8.592  1.00 23.88 ? 243 PHE A CZ  1 
ATOM   116 N  N   . CYS A 1 14 ? -5.424  -1.933 -2.652  1.00 12.21 ? 244 CYS A N   1 
ATOM   117 C  CA  . CYS A 1 14 ? -5.019  -1.808 -1.283  1.00 13.39 ? 244 CYS A CA  1 
ATOM   118 C  C   . CYS A 1 14 ? -5.431  -3.071 -0.533  1.00 12.58 ? 244 CYS A C   1 
ATOM   119 O  O   . CYS A 1 14 ? -6.629  -3.361 -0.365  1.00 12.46 ? 244 CYS A O   1 
ATOM   120 C  CB  . CYS A 1 14 ? -5.706  -0.588 -0.779  1.00 9.01  ? 244 CYS A CB  1 
ATOM   121 S  SG  . CYS A 1 14 ? -5.559  -0.211 0.963   1.00 9.97  ? 244 CYS A SG  1 
ATOM   122 N  N   . ASP A 1 15 ? -4.441  -3.712 0.061   1.00 12.27 ? 245 ASP A N   1 
ATOM   123 C  CA  . ASP A 1 15 ? -4.673  -4.908 0.850   1.00 10.91 ? 245 ASP A CA  1 
ATOM   124 C  C   . ASP A 1 15 ? -5.437  -4.666 2.109   1.00 10.40 ? 245 ASP A C   1 
ATOM   125 O  O   . ASP A 1 15 ? -5.850  -5.611 2.783   1.00 12.91 ? 245 ASP A O   1 
ATOM   126 C  CB  . ASP A 1 15 ? -3.334  -5.566 1.175   1.00 11.28 ? 245 ASP A CB  1 
ATOM   127 C  CG  . ASP A 1 15 ? -2.667  -6.159 -0.058  1.00 9.76  ? 245 ASP A CG  1 
ATOM   128 O  OD1 . ASP A 1 15 ? -3.358  -6.577 -0.994  1.00 8.66  ? 245 ASP A OD1 1 
ATOM   129 O  OD2 . ASP A 1 15 ? -1.447  -6.193 -0.092  1.00 8.25  ? 245 ASP A OD2 1 
ATOM   130 N  N   . HIS A 1 16 ? -5.602  -3.401 2.477   1.00 9.91  ? 246 HIS A N   1 
ATOM   131 C  CA  . HIS A 1 16 ? -6.447  -3.112 3.618   1.00 9.80  ? 246 HIS A CA  1 
ATOM   132 C  C   . HIS A 1 16 ? -7.902  -2.853 3.240   1.00 8.65  ? 246 HIS A C   1 
ATOM   133 O  O   . HIS A 1 16 ? -8.818  -3.413 3.835   1.00 9.42  ? 246 HIS A O   1 
ATOM   134 C  CB  . HIS A 1 16 ? -5.886  -1.896 4.396   1.00 10.65 ? 246 HIS A CB  1 
ATOM   135 C  CG  . HIS A 1 16 ? -6.818  -1.464 5.521   1.00 13.36 ? 246 HIS A CG  1 
ATOM   136 N  ND1 . HIS A 1 16 ? -7.030  -2.054 6.678   1.00 15.54 ? 246 HIS A ND1 1 
ATOM   137 C  CD2 . HIS A 1 16 ? -7.687  -0.406 5.443   1.00 12.97 ? 246 HIS A CD2 1 
ATOM   138 C  CE1 . HIS A 1 16 ? -7.981  -1.430 7.293   1.00 13.45 ? 246 HIS A CE1 1 
ATOM   139 N  NE2 . HIS A 1 16 ? -8.372  -0.438 6.538   1.00 12.23 ? 246 HIS A NE2 1 
ATOM   140 N  N   . CYS A 1 17 ? -8.157  -1.998 2.241   1.00 9.77  ? 247 CYS A N   1 
ATOM   141 C  CA  . CYS A 1 17 ? -9.560  -1.602 2.034   1.00 8.94  ? 247 CYS A CA  1 
ATOM   142 C  C   . CYS A 1 17 ? -10.147 -2.134 0.743   1.00 7.90  ? 247 CYS A C   1 
ATOM   143 O  O   . CYS A 1 17 ? -11.329 -1.966 0.504   1.00 8.06  ? 247 CYS A O   1 
ATOM   144 C  CB  . CYS A 1 17 ? -9.742  -0.073 2.017   1.00 9.71  ? 247 CYS A CB  1 
ATOM   145 S  SG  . CYS A 1 17 ? -9.125  0.780  0.539   1.00 9.30  ? 247 CYS A SG  1 
ATOM   146 N  N   . GLY A 1 18 ? -9.356  -2.724 -0.137  1.00 9.02  ? 248 GLY A N   1 
ATOM   147 C  CA  . GLY A 1 18 ? -9.919  -3.243 -1.362  1.00 10.95 ? 248 GLY A CA  1 
ATOM   148 C  C   . GLY A 1 18 ? -9.946  -2.267 -2.518  1.00 13.43 ? 248 GLY A C   1 
ATOM   149 O  O   . GLY A 1 18 ? -10.055 -2.777 -3.630  1.00 13.30 ? 248 GLY A O   1 
ATOM   150 N  N   . SER A 1 19 ? -9.884  -0.930 -2.390  1.00 12.82 ? 249 SER A N   1 
ATOM   151 C  CA  . SER A 1 19 ? -9.863  -0.107 -3.592  1.00 12.28 ? 249 SER A CA  1 
ATOM   152 C  C   . SER A 1 19 ? -8.496  0.044  -4.214  1.00 12.91 ? 249 SER A C   1 
ATOM   153 O  O   . SER A 1 19 ? -7.457  -0.077 -3.539  1.00 12.18 ? 249 SER A O   1 
ATOM   154 C  CB  . SER A 1 19 ? -10.401 1.305  -3.325  1.00 14.14 ? 249 SER A CB  1 
ATOM   155 O  OG  . SER A 1 19 ? -11.682 1.288  -2.728  1.00 12.29 ? 249 SER A OG  1 
ATOM   156 N  N   . LEU A 1 20 ? -8.572  0.311  -5.525  1.00 11.86 ? 250 LEU A N   1 
ATOM   157 C  CA  . LEU A 1 20 ? -7.408  0.566  -6.344  1.00 12.12 ? 250 LEU A CA  1 
ATOM   158 C  C   . LEU A 1 20 ? -6.483  1.627  -5.760  1.00 10.61 ? 250 LEU A C   1 
ATOM   159 O  O   . LEU A 1 20 ? -6.925  2.636  -5.200  1.00 12.41 ? 250 LEU A O   1 
ATOM   160 C  CB  . LEU A 1 20 ? -7.876  1.008  -7.729  1.00 9.91  ? 250 LEU A CB  1 
ATOM   161 C  CG  . LEU A 1 20 ? -6.870  1.224  -8.861  1.00 13.00 ? 250 LEU A CG  1 
ATOM   162 C  CD1 . LEU A 1 20 ? -6.275  -0.117 -9.321  1.00 9.53  ? 250 LEU A CD1 1 
ATOM   163 C  CD2 . LEU A 1 20 ? -7.583  1.908  -10.005 1.00 8.72  ? 250 LEU A CD2 1 
ATOM   164 N  N   . LEU A 1 21 ? -5.189  1.403  -5.887  1.00 9.26  ? 251 LEU A N   1 
ATOM   165 C  CA  . LEU A 1 21 ? -4.179  2.350  -5.511  1.00 9.56  ? 251 LEU A CA  1 
ATOM   166 C  C   . LEU A 1 21 ? -4.110  3.302  -6.695  1.00 11.85 ? 251 LEU A C   1 
ATOM   167 O  O   . LEU A 1 21 ? -3.409  3.075  -7.681  1.00 12.56 ? 251 LEU A O   1 
ATOM   168 C  CB  . LEU A 1 21 ? -2.856  1.635  -5.301  1.00 9.20  ? 251 LEU A CB  1 
ATOM   169 C  CG  . LEU A 1 21 ? -2.810  0.641  -4.138  1.00 9.60  ? 251 LEU A CG  1 
ATOM   170 C  CD1 . LEU A 1 21 ? -1.399  0.119  -3.984  1.00 5.01  ? 251 LEU A CD1 1 
ATOM   171 C  CD2 . LEU A 1 21 ? -3.299  1.302  -2.860  1.00 2.33  ? 251 LEU A CD2 1 
ATOM   172 N  N   . TRP A 1 22 ? -4.859  4.395  -6.604  1.00 14.71 ? 252 TRP A N   1 
ATOM   173 C  CA  . TRP A 1 22 ? -5.037  5.342  -7.699  1.00 15.18 ? 252 TRP A CA  1 
ATOM   174 C  C   . TRP A 1 22 ? -3.804  6.099  -8.096  1.00 16.12 ? 252 TRP A C   1 
ATOM   175 O  O   . TRP A 1 22 ? -2.959  6.374  -7.239  1.00 16.23 ? 252 TRP A O   1 
ATOM   176 C  CB  . TRP A 1 22 ? -6.066  6.407  -7.351  1.00 15.89 ? 252 TRP A CB  1 
ATOM   177 C  CG  . TRP A 1 22 ? -7.321  5.875  -6.705  1.00 8.73  ? 252 TRP A CG  1 
ATOM   178 C  CD1 . TRP A 1 22 ? -8.316  5.256  -7.420  1.00 10.77 ? 252 TRP A CD1 1 
ATOM   179 C  CD2 . TRP A 1 22 ? -7.575  5.955  -5.373  1.00 6.80  ? 252 TRP A CD2 1 
ATOM   180 N  NE1 . TRP A 1 22 ? -9.215  4.939  -6.517  1.00 11.41 ? 252 TRP A NE1 1 
ATOM   181 C  CE2 . TRP A 1 22 ? -8.820  5.326  -5.295  1.00 9.05  ? 252 TRP A CE2 1 
ATOM   182 C  CE3 . TRP A 1 22 ? -6.956  6.452  -4.242  1.00 7.39  ? 252 TRP A CE3 1 
ATOM   183 C  CZ2 . TRP A 1 22 ? -9.464  5.184  -4.075  1.00 6.80  ? 252 TRP A CZ2 1 
ATOM   184 C  CZ3 . TRP A 1 22 ? -7.602  6.311  -3.018  1.00 4.90  ? 252 TRP A CZ3 1 
ATOM   185 C  CH2 . TRP A 1 22 ? -8.839  5.683  -2.936  1.00 9.46  ? 252 TRP A CH2 1 
ATOM   186 N  N   . GLY A 1 23 ? -3.692  6.477  -9.363  1.00 17.56 ? 253 GLY A N   1 
ATOM   187 C  CA  . GLY A 1 23 ? -2.625  7.392  -9.735  1.00 18.66 ? 253 GLY A CA  1 
ATOM   188 C  C   . GLY A 1 23 ? -1.585  6.806  -10.656 1.00 20.20 ? 253 GLY A C   1 
ATOM   189 O  O   . GLY A 1 23 ? -1.536  5.604  -10.890 1.00 21.39 ? 253 GLY A O   1 
ATOM   190 N  N   . LEU A 1 24 ? -0.737  7.670  -11.172 1.00 20.62 ? 254 LEU A N   1 
ATOM   191 C  CA  . LEU A 1 24 ? 0.304   7.262  -12.082 1.00 22.29 ? 254 LEU A CA  1 
ATOM   192 C  C   . LEU A 1 24 ? 1.567   6.865  -11.354 1.00 21.76 ? 254 LEU A C   1 
ATOM   193 O  O   . LEU A 1 24 ? 2.300   5.972  -11.796 1.00 20.95 ? 254 LEU A O   1 
ATOM   194 C  CB  . LEU A 1 24 ? 0.591   8.405  -13.047 1.00 26.00 ? 254 LEU A CB  1 
ATOM   195 C  CG  . LEU A 1 24 ? -0.544  8.774  -14.023 1.00 28.23 ? 254 LEU A CG  1 
ATOM   196 C  CD1 . LEU A 1 24 ? -0.218  10.124 -14.636 1.00 32.02 ? 254 LEU A CD1 1 
ATOM   197 C  CD2 . LEU A 1 24 ? -0.723  7.703  -15.095 1.00 24.04 ? 254 LEU A CD2 1 
ATOM   198 N  N   . VAL A 1 25 ? 1.840   7.521  -10.226 1.00 21.29 ? 255 VAL A N   1 
ATOM   199 C  CA  . VAL A 1 25 ? 3.042   7.266  -9.444  1.00 20.45 ? 255 VAL A CA  1 
ATOM   200 C  C   . VAL A 1 25 ? 2.647   7.370  -7.992  1.00 18.96 ? 255 VAL A C   1 
ATOM   201 O  O   . VAL A 1 25 ? 1.615   7.960  -7.661  1.00 21.08 ? 255 VAL A O   1 
ATOM   202 C  CB  . VAL A 1 25 ? 4.166   8.305  -9.692  1.00 21.66 ? 255 VAL A CB  1 
ATOM   203 C  CG1 . VAL A 1 25 ? 4.696   8.178  -11.115 1.00 25.25 ? 255 VAL A CG1 1 
ATOM   204 C  CG2 . VAL A 1 25 ? 3.625   9.714  -9.483  1.00 18.72 ? 255 VAL A CG2 1 
ATOM   205 N  N   . LYS A 1 26 ? 3.462   6.803  -7.123  1.00 19.70 ? 256 LYS A N   1 
ATOM   206 C  CA  . LYS A 1 26 ? 3.304   6.902  -5.678  1.00 18.37 ? 256 LYS A CA  1 
ATOM   207 C  C   . LYS A 1 26 ? 1.911   6.573  -5.164  1.00 16.57 ? 256 LYS A C   1 
ATOM   208 O  O   . LYS A 1 26 ? 1.439   7.079  -4.132  1.00 18.75 ? 256 LYS A O   1 
ATOM   209 C  CB  . LYS A 1 26 ? 3.733   8.324  -5.251  1.00 20.24 ? 256 LYS A CB  1 
ATOM   210 C  CG  . LYS A 1 26 ? 5.162   8.630  -5.699  1.00 23.77 ? 256 LYS A CG  1 
ATOM   211 C  CD  . LYS A 1 26 ? 5.717   10.011 -5.379  1.00 29.93 ? 256 LYS A CD  1 
ATOM   212 C  CE  . LYS A 1 26 ? 4.893   11.179 -5.888  1.00 30.08 ? 256 LYS A CE  1 
ATOM   213 N  NZ  . LYS A 1 26 ? 3.856   11.515 -4.924  1.00 39.22 ? 256 LYS A NZ  1 
ATOM   214 N  N   . GLN A 1 27 ? 1.279   5.620  -5.837  1.00 13.41 ? 257 GLN A N   1 
ATOM   215 C  CA  . GLN A 1 27 ? -0.089  5.231  -5.554  1.00 9.68  ? 257 GLN A CA  1 
ATOM   216 C  C   . GLN A 1 27 ? -0.343  4.700  -4.157  1.00 9.86  ? 257 GLN A C   1 
ATOM   217 O  O   . GLN A 1 27 ? -1.479  4.739  -3.657  1.00 8.68  ? 257 GLN A O   1 
ATOM   218 C  CB  . GLN A 1 27 ? -0.553  4.165  -6.517  1.00 10.51 ? 257 GLN A CB  1 
ATOM   219 C  CG  . GLN A 1 27 ? -0.511  4.547  -7.979  1.00 11.75 ? 257 GLN A CG  1 
ATOM   220 C  CD  . GLN A 1 27 ? 0.760   4.124  -8.695  1.00 12.37 ? 257 GLN A CD  1 
ATOM   221 O  OE1 . GLN A 1 27 ? 1.842   4.083  -8.114  1.00 10.45 ? 257 GLN A OE1 1 
ATOM   222 N  NE2 . GLN A 1 27 ? 0.705   3.802  -9.972  1.00 7.56  ? 257 GLN A NE2 1 
ATOM   223 N  N   . GLY A 1 28 ? 0.689   4.190  -3.496  1.00 10.33 ? 258 GLY A N   1 
ATOM   224 C  CA  . GLY A 1 28 ? 0.513   3.639  -2.171  1.00 11.43 ? 258 GLY A CA  1 
ATOM   225 C  C   . GLY A 1 28 ? 1.833   3.243  -1.570  1.00 12.10 ? 258 GLY A C   1 
ATOM   226 O  O   . GLY A 1 28 ? 2.887   3.620  -2.074  1.00 14.16 ? 258 GLY A O   1 
ATOM   227 N  N   . LEU A 1 29 ? 1.796   2.470  -0.506  1.00 12.13 ? 259 LEU A N   1 
ATOM   228 C  CA  . LEU A 1 29 ? 2.983   2.107  0.243   1.00 14.37 ? 259 LEU A CA  1 
ATOM   229 C  C   . LEU A 1 29 ? 3.027   0.585  0.288   1.00 13.87 ? 259 LEU A C   1 
ATOM   230 O  O   . LEU A 1 29 ? 2.007   -0.055 0.557   1.00 13.05 ? 259 LEU A O   1 
ATOM   231 C  CB  . LEU A 1 29 ? 2.878   2.686  1.664   1.00 13.84 ? 259 LEU A CB  1 
ATOM   232 C  CG  . LEU A 1 29 ? 2.697   4.201  1.820   1.00 14.81 ? 259 LEU A CG  1 
ATOM   233 C  CD1 . LEU A 1 29 ? 1.629   4.464  2.850   1.00 16.92 ? 259 LEU A CD1 1 
ATOM   234 C  CD2 . LEU A 1 29 ? 3.992   4.853  2.240   1.00 15.69 ? 259 LEU A CD2 1 
ATOM   235 N  N   . LYS A 1 30 ? 4.169   -0.004 -0.004  1.00 14.02 ? 260 LYS A N   1 
ATOM   236 C  CA  . LYS A 1 30 ? 4.330   -1.438 0.080   1.00 14.83 ? 260 LYS A CA  1 
ATOM   237 C  C   . LYS A 1 30 ? 5.290   -1.743 1.233   1.00 15.48 ? 260 LYS A C   1 
ATOM   238 O  O   . LYS A 1 30 ? 6.369   -1.131 1.374   1.00 15.47 ? 260 LYS A O   1 
ATOM   239 C  CB  . LYS A 1 30 ? 4.891   -1.959 -1.232  1.00 14.11 ? 260 LYS A CB  1 
ATOM   240 C  CG  . LYS A 1 30 ? 5.173   -3.458 -1.225  1.00 14.56 ? 260 LYS A CG  1 
ATOM   241 C  CD  . LYS A 1 30 ? 5.827   -3.797 -2.528  1.00 13.99 ? 260 LYS A CD  1 
ATOM   242 C  CE  . LYS A 1 30 ? 4.704   -3.999 -3.492  1.00 14.01 ? 260 LYS A CE  1 
ATOM   243 N  NZ  . LYS A 1 30 ? 5.165   -3.700 -4.819  1.00 21.79 ? 260 LYS A NZ  1 
ATOM   244 N  N   . CYS A 1 31 ? 4.888   -2.667 2.106   1.00 16.18 ? 261 CYS A N   1 
ATOM   245 C  CA  . CYS A 1 31 ? 5.723   -3.143 3.187   1.00 16.96 ? 261 CYS A CA  1 
ATOM   246 C  C   . CYS A 1 31 ? 6.892   -3.935 2.631   1.00 18.16 ? 261 CYS A C   1 
ATOM   247 O  O   . CYS A 1 31 ? 6.709   -4.985 2.007   1.00 19.32 ? 261 CYS A O   1 
ATOM   248 C  CB  . CYS A 1 31 ? 4.977   -4.060 4.121   1.00 16.25 ? 261 CYS A CB  1 
ATOM   249 S  SG  . CYS A 1 31 ? 6.028   -4.726 5.442   1.00 17.31 ? 261 CYS A SG  1 
ATOM   250 N  N   . GLU A 1 32 ? 8.081   -3.449 2.970   1.00 20.43 ? 262 GLU A N   1 
ATOM   251 C  CA  . GLU A 1 32 ? 9.341   -4.058 2.594   1.00 20.20 ? 262 GLU A CA  1 
ATOM   252 C  C   . GLU A 1 32 ? 9.530   -5.475 3.101   1.00 19.58 ? 262 GLU A C   1 
ATOM   253 O  O   . GLU A 1 32 ? 10.271  -6.233 2.507   1.00 18.51 ? 262 GLU A O   1 
ATOM   254 C  CB  . GLU A 1 32 ? 10.472  -3.223 3.108   1.00 20.23 ? 262 GLU A CB  1 
ATOM   255 C  CG  . GLU A 1 32 ? 10.555  -1.881 2.427   1.00 26.84 ? 262 GLU A CG  1 
ATOM   256 C  CD  . GLU A 1 32 ? 11.971  -1.339 2.476   1.00 34.11 ? 262 GLU A CD  1 
ATOM   257 O  OE1 . GLU A 1 32 ? 12.783  -1.821 1.684   1.00 34.32 ? 262 GLU A OE1 1 
ATOM   258 O  OE2 . GLU A 1 32 ? 12.261  -0.463 3.302   1.00 38.08 ? 262 GLU A OE2 1 
ATOM   259 N  N   . ASP A 1 33 ? 8.911   -5.836 4.220   1.00 19.36 ? 263 ASP A N   1 
ATOM   260 C  CA  . ASP A 1 33 ? 9.037   -7.190 4.723   1.00 19.69 ? 263 ASP A CA  1 
ATOM   261 C  C   . ASP A 1 33 ? 7.976   -8.171 4.220   1.00 18.63 ? 263 ASP A C   1 
ATOM   262 O  O   . ASP A 1 33 ? 8.296   -9.288 3.852   1.00 20.55 ? 263 ASP A O   1 
ATOM   263 C  CB  . ASP A 1 33 ? 9.015   -7.152 6.255   1.00 18.02 ? 263 ASP A CB  1 
ATOM   264 C  CG  . ASP A 1 33 ? 10.065  -6.237 6.860   1.00 19.99 ? 263 ASP A CG  1 
ATOM   265 O  OD1 . ASP A 1 33 ? 11.212  -6.295 6.428   1.00 21.53 ? 263 ASP A OD1 1 
ATOM   266 O  OD2 . ASP A 1 33 ? 9.731   -5.461 7.758   1.00 20.52 ? 263 ASP A OD2 1 
ATOM   267 N  N   . CYS A 1 34 ? 6.698   -7.777 4.121   1.00 17.13 ? 264 CYS A N   1 
ATOM   268 C  CA  . CYS A 1 34 ? 5.684   -8.776 3.785   1.00 16.91 ? 264 CYS A CA  1 
ATOM   269 C  C   . CYS A 1 34 ? 4.997   -8.484 2.460   1.00 17.74 ? 264 CYS A C   1 
ATOM   270 O  O   . CYS A 1 34 ? 4.100   -9.227 2.084   1.00 16.23 ? 264 CYS A O   1 
ATOM   271 C  CB  . CYS A 1 34 ? 4.595   -8.864 4.853   1.00 15.87 ? 264 CYS A CB  1 
ATOM   272 S  SG  . CYS A 1 34 ? 3.541   -7.384 5.006   1.00 16.34 ? 264 CYS A SG  1 
ATOM   273 N  N   . GLY A 1 35 ? 5.306   -7.375 1.762   1.00 16.97 ? 265 GLY A N   1 
ATOM   274 C  CA  . GLY A 1 35 ? 4.625   -7.054 0.518   1.00 15.08 ? 265 GLY A CA  1 
ATOM   275 C  C   . GLY A 1 35 ? 3.216   -6.502 0.646   1.00 13.51 ? 265 GLY A C   1 
ATOM   276 O  O   . GLY A 1 35 ? 2.557   -6.366 -0.373  1.00 15.08 ? 265 GLY A O   1 
ATOM   277 N  N   . MET A 1 36 ? 2.656   -6.274 1.833   1.00 13.90 ? 266 MET A N   1 
ATOM   278 C  CA  . MET A 1 36 ? 1.353   -5.619 1.975   1.00 14.07 ? 266 MET A CA  1 
ATOM   279 C  C   . MET A 1 36 ? 1.356   -4.265 1.255   1.00 15.13 ? 266 MET A C   1 
ATOM   280 O  O   . MET A 1 36 ? 2.323   -3.509 1.384   1.00 17.34 ? 266 MET A O   1 
ATOM   281 C  CB  . MET A 1 36 ? 1.033   -5.397 3.449   1.00 9.37  ? 266 MET A CB  1 
ATOM   282 C  CG  . MET A 1 36 ? -0.402  -4.973 3.633   1.00 7.23  ? 266 MET A CG  1 
ATOM   283 S  SD  . MET A 1 36 ? -0.905  -4.677 5.328   1.00 10.00 ? 266 MET A SD  1 
ATOM   284 C  CE  . MET A 1 36 ? -2.646  -4.818 5.109   1.00 4.28  ? 266 MET A CE  1 
ATOM   285 N  N   . ASN A 1 37 ? 0.294   -3.946 0.533   1.00 14.98 ? 267 ASN A N   1 
ATOM   286 C  CA  . ASN A 1 37 ? 0.202   -2.730 -0.268  1.00 15.19 ? 267 ASN A CA  1 
ATOM   287 C  C   . ASN A 1 37 ? -0.920  -1.927 0.325   1.00 15.10 ? 267 ASN A C   1 
ATOM   288 O  O   . ASN A 1 37 ? -2.025  -2.474 0.483   1.00 16.92 ? 267 ASN A O   1 
ATOM   289 C  CB  . ASN A 1 37 ? -0.199  -2.982 -1.694  1.00 14.59 ? 267 ASN A CB  1 
ATOM   290 C  CG  . ASN A 1 37 ? 0.789   -3.842 -2.445  1.00 16.20 ? 267 ASN A CG  1 
ATOM   291 O  OD1 . ASN A 1 37 ? 1.978   -3.580 -2.453  1.00 16.66 ? 267 ASN A OD1 1 
ATOM   292 N  ND2 . ASN A 1 37 ? 0.380   -4.922 -3.080  1.00 11.07 ? 267 ASN A ND2 1 
ATOM   293 N  N   . VAL A 1 38 ? -0.705  -0.667 0.715   1.00 15.19 ? 268 VAL A N   1 
ATOM   294 C  CA  . VAL A 1 38 ? -1.780  0.158  1.256   1.00 13.25 ? 268 VAL A CA  1 
ATOM   295 C  C   . VAL A 1 38 ? -1.796  1.544  0.627   1.00 11.14 ? 268 VAL A C   1 
ATOM   296 O  O   . VAL A 1 38 ? -0.847  2.056  0.044   1.00 9.07  ? 268 VAL A O   1 
ATOM   297 C  CB  . VAL A 1 38 ? -1.704  0.333  2.831   1.00 13.72 ? 268 VAL A CB  1 
ATOM   298 C  CG1 . VAL A 1 38 ? -1.720  -1.076 3.434   1.00 11.44 ? 268 VAL A CG1 1 
ATOM   299 C  CG2 . VAL A 1 38 ? -0.487  1.135  3.313   1.00 7.11  ? 268 VAL A CG2 1 
ATOM   300 N  N   . HIS A 1 39 ? -2.953  2.167  0.796   1.00 10.20 ? 269 HIS A N   1 
ATOM   301 C  CA  . HIS A 1 39 ? -3.171  3.522  0.311   1.00 10.49 ? 269 HIS A CA  1 
ATOM   302 C  C   . HIS A 1 39 ? -2.494  4.334  1.383   1.00 11.32 ? 269 HIS A C   1 
ATOM   303 O  O   . HIS A 1 39 ? -2.575  3.944  2.554   1.00 10.65 ? 269 HIS A O   1 
ATOM   304 C  CB  . HIS A 1 39 ? -4.615  4.026  0.354   1.00 9.37  ? 269 HIS A CB  1 
ATOM   305 C  CG  . HIS A 1 39 ? -5.568  3.532  -0.719  1.00 10.32 ? 269 HIS A CG  1 
ATOM   306 N  ND1 . HIS A 1 39 ? -6.587  2.725  -0.483  1.00 11.69 ? 269 HIS A ND1 1 
ATOM   307 C  CD2 . HIS A 1 39 ? -5.482  3.862  -2.033  1.00 4.20  ? 269 HIS A CD2 1 
ATOM   308 C  CE1 . HIS A 1 39 ? -7.152  2.545  -1.656  1.00 8.38  ? 269 HIS A CE1 1 
ATOM   309 N  NE2 . HIS A 1 39 ? -6.491  3.217  -2.560  1.00 2.34  ? 269 HIS A NE2 1 
ATOM   310 N  N   . HIS A 1 40 ? -1.975  5.493  1.022   1.00 11.28 ? 270 HIS A N   1 
ATOM   311 C  CA  . HIS A 1 40 ? -1.453  6.450  1.987   1.00 12.19 ? 270 HIS A CA  1 
ATOM   312 C  C   . HIS A 1 40 ? -2.442  6.666  3.124   1.00 12.65 ? 270 HIS A C   1 
ATOM   313 O  O   . HIS A 1 40 ? -2.050  6.647  4.294   1.00 13.38 ? 270 HIS A O   1 
ATOM   314 C  CB  . HIS A 1 40 ? -1.188  7.766  1.288   1.00 12.93 ? 270 HIS A CB  1 
ATOM   315 C  CG  . HIS A 1 40 ? 0.004   7.679  0.353   1.00 10.92 ? 270 HIS A CG  1 
ATOM   316 N  ND1 . HIS A 1 40 ? 1.271   7.877  0.670   1.00 15.07 ? 270 HIS A ND1 1 
ATOM   317 C  CD2 . HIS A 1 40 ? -0.050  7.392  -0.986  1.00 13.84 ? 270 HIS A CD2 1 
ATOM   318 C  CE1 . HIS A 1 40 ? 1.993   7.722  -0.418  1.00 15.71 ? 270 HIS A CE1 1 
ATOM   319 N  NE2 . HIS A 1 40 ? 1.186   7.431  -1.403  1.00 15.76 ? 270 HIS A NE2 1 
ATOM   320 N  N   . LYS A 1 41 ? -3.745  6.776  2.817   1.00 13.46 ? 271 LYS A N   1 
ATOM   321 C  CA  . LYS A 1 41 ? -4.784  6.960  3.825   1.00 14.44 ? 271 LYS A CA  1 
ATOM   322 C  C   . LYS A 1 41 ? -5.086  5.742  4.661   1.00 14.66 ? 271 LYS A C   1 
ATOM   323 O  O   . LYS A 1 41 ? -5.661  5.866  5.738   1.00 14.62 ? 271 LYS A O   1 
ATOM   324 C  CB  . LYS A 1 41 ? -6.112  7.387  3.215   1.00 14.34 ? 271 LYS A CB  1 
ATOM   325 C  CG  . LYS A 1 41 ? -6.784  6.341  2.323   1.00 17.26 ? 271 LYS A CG  1 
ATOM   326 C  CD  . LYS A 1 41 ? -8.121  6.889  1.897   1.00 17.39 ? 271 LYS A CD  1 
ATOM   327 C  CE  . LYS A 1 41 ? -8.661  6.099  0.744   1.00 16.36 ? 271 LYS A CE  1 
ATOM   328 N  NZ  . LYS A 1 41 ? -9.897  6.737  0.334   1.00 13.27 ? 271 LYS A NZ  1 
ATOM   329 N  N   . CYS A 1 42 ? -4.732  4.562  4.167   1.00 15.32 ? 272 CYS A N   1 
ATOM   330 C  CA  . CYS A 1 42 ? -5.019  3.333  4.890   1.00 16.11 ? 272 CYS A CA  1 
ATOM   331 C  C   . CYS A 1 42 ? -3.862  2.863  5.764   1.00 15.16 ? 272 CYS A C   1 
ATOM   332 O  O   . CYS A 1 42 ? -4.061  1.979  6.594   1.00 15.37 ? 272 CYS A O   1 
ATOM   333 C  CB  . CYS A 1 42 ? -5.377  2.225  3.920   1.00 12.37 ? 272 CYS A CB  1 
ATOM   334 S  SG  . CYS A 1 42 ? -6.968  2.589  3.144   1.00 10.84 ? 272 CYS A SG  1 
ATOM   335 N  N   . ARG A 1 43 ? -2.665  3.406  5.593   1.00 13.92 ? 273 ARG A N   1 
ATOM   336 C  CA  . ARG A 1 43 ? -1.533  3.008  6.395   1.00 15.76 ? 273 ARG A CA  1 
ATOM   337 C  C   . ARG A 1 43 ? -1.899  3.165  7.863   1.00 17.10 ? 273 ARG A C   1 
ATOM   338 O  O   . ARG A 1 43 ? -1.799  2.181  8.584   1.00 17.59 ? 273 ARG A O   1 
ATOM   339 C  CB  . ARG A 1 43 ? -0.335  3.876  6.041   1.00 14.38 ? 273 ARG A CB  1 
ATOM   340 N  N   . GLU A 1 44 ? -2.502  4.271  8.326   1.00 17.70 ? 274 GLU A N   1 
ATOM   341 C  CA  . GLU A 1 44 ? -2.851  4.418  9.744   1.00 19.28 ? 274 GLU A CA  1 
ATOM   342 C  C   . GLU A 1 44 ? -3.902  3.426  10.265  1.00 18.54 ? 274 GLU A C   1 
ATOM   343 O  O   . GLU A 1 44 ? -4.111  3.268  11.473  1.00 17.19 ? 274 GLU A O   1 
ATOM   344 C  CB  . GLU A 1 44 ? -3.381  5.828  10.017  1.00 16.17 ? 274 GLU A CB  1 
ATOM   345 N  N   . LYS A 1 45 ? -4.575  2.761  9.330   1.00 18.69 ? 275 LYS A N   1 
ATOM   346 C  CA  . LYS A 1 45 ? -5.641  1.849  9.626   1.00 18.78 ? 275 LYS A CA  1 
ATOM   347 C  C   . LYS A 1 45 ? -5.163  0.398  9.696   1.00 19.21 ? 275 LYS A C   1 
ATOM   348 O  O   . LYS A 1 45 ? -5.945  -0.492 10.034  1.00 19.87 ? 275 LYS A O   1 
ATOM   349 C  CB  . LYS A 1 45 ? -6.678  2.001  8.554   1.00 22.88 ? 275 LYS A CB  1 
ATOM   350 C  CG  . LYS A 1 45 ? -7.370  3.345  8.355   1.00 29.13 ? 275 LYS A CG  1 
ATOM   351 C  CD  . LYS A 1 45 ? -8.129  3.194  7.026   1.00 35.08 ? 275 LYS A CD  1 
ATOM   352 C  CE  . LYS A 1 45 ? -8.892  4.431  6.551   1.00 38.74 ? 275 LYS A CE  1 
ATOM   353 N  NZ  . LYS A 1 45 ? -9.481  4.190  5.239   1.00 41.20 ? 275 LYS A NZ  1 
ATOM   354 N  N   . VAL A 1 46 ? -3.921  0.095  9.353   1.00 18.35 ? 276 VAL A N   1 
ATOM   355 C  CA  . VAL A 1 46 ? -3.445  -1.277 9.326   1.00 18.57 ? 276 VAL A CA  1 
ATOM   356 C  C   . VAL A 1 46 ? -2.930  -1.676 10.706  1.00 18.96 ? 276 VAL A C   1 
ATOM   357 O  O   . VAL A 1 46 ? -2.409  -0.841 11.445  1.00 19.32 ? 276 VAL A O   1 
ATOM   358 C  CB  . VAL A 1 46 ? -2.344  -1.355 8.225   1.00 17.68 ? 276 VAL A CB  1 
ATOM   359 C  CG1 . VAL A 1 46 ? -1.683  -2.712 8.156   1.00 24.16 ? 276 VAL A CG1 1 
ATOM   360 C  CG2 . VAL A 1 46 ? -3.005  -1.188 6.879   1.00 16.84 ? 276 VAL A CG2 1 
ATOM   361 N  N   . ALA A 1 47 ? -3.063  -2.935 11.121  1.00 18.83 ? 277 ALA A N   1 
ATOM   362 C  CA  . ALA A 1 47 ? -2.510  -3.386 12.393  1.00 19.74 ? 277 ALA A CA  1 
ATOM   363 C  C   . ALA A 1 47 ? -1.015  -3.406 12.286  1.00 21.12 ? 277 ALA A C   1 
ATOM   364 O  O   . ALA A 1 47 ? -0.447  -3.630 11.211  1.00 20.03 ? 277 ALA A O   1 
ATOM   365 C  CB  . ALA A 1 47 ? -2.889  -4.797 12.755  1.00 15.80 ? 277 ALA A CB  1 
ATOM   366 N  N   . ASN A 1 48 ? -0.354  -3.215 13.411  1.00 24.49 ? 278 ASN A N   1 
ATOM   367 C  CA  . ASN A 1 48 ? 1.082   -3.159 13.338  1.00 28.42 ? 278 ASN A CA  1 
ATOM   368 C  C   . ASN A 1 48 ? 1.854   -4.424 13.071  1.00 29.68 ? 278 ASN A C   1 
ATOM   369 O  O   . ASN A 1 48 ? 2.975   -4.357 12.535  1.00 31.55 ? 278 ASN A O   1 
ATOM   370 C  CB  . ASN A 1 48 ? 1.606   -2.540 14.595  1.00 33.54 ? 278 ASN A CB  1 
ATOM   371 C  CG  . ASN A 1 48 ? 1.698   -1.078 14.244  1.00 40.37 ? 278 ASN A CG  1 
ATOM   372 O  OD1 . ASN A 1 48 ? 0.746   -0.325 14.441  1.00 44.87 ? 278 ASN A OD1 1 
ATOM   373 N  ND2 . ASN A 1 48 ? 2.795   -0.646 13.633  1.00 38.62 ? 278 ASN A ND2 1 
ATOM   374 N  N   . LEU A 1 49 ? 1.262   -5.570 13.386  1.00 28.57 ? 279 LEU A N   1 
ATOM   375 C  CA  . LEU A 1 49 ? 1.997   -6.808 13.249  1.00 26.42 ? 279 LEU A CA  1 
ATOM   376 C  C   . LEU A 1 49 ? 2.159   -7.243 11.814  1.00 22.31 ? 279 LEU A C   1 
ATOM   377 O  O   . LEU A 1 49 ? 1.217   -7.310 11.038  1.00 22.59 ? 279 LEU A O   1 
ATOM   378 C  CB  . LEU A 1 49 ? 1.289   -7.874 14.082  1.00 30.24 ? 279 LEU A CB  1 
ATOM   379 C  CG  . LEU A 1 49 ? 1.972   -9.197 14.443  1.00 29.51 ? 279 LEU A CG  1 
ATOM   380 C  CD1 . LEU A 1 49 ? 3.444   -9.002 14.766  1.00 30.21 ? 279 LEU A CD1 1 
ATOM   381 C  CD2 . LEU A 1 49 ? 1.264   -9.759 15.654  1.00 28.60 ? 279 LEU A CD2 1 
ATOM   382 N  N   . CYS A 1 50 ? 3.418   -7.435 11.466  1.00 21.05 ? 280 CYS A N   1 
ATOM   383 C  CA  . CYS A 1 50 ? 3.867   -7.909 10.183  1.00 20.65 ? 280 CYS A CA  1 
ATOM   384 C  C   . CYS A 1 50 ? 4.371   -9.322 10.439  1.00 20.12 ? 280 CYS A C   1 
ATOM   385 O  O   . CYS A 1 50 ? 5.248   -9.519 11.276  1.00 19.67 ? 280 CYS A O   1 
ATOM   386 C  CB  . CYS A 1 50 ? 4.994   -7.040 9.693   1.00 16.03 ? 280 CYS A CB  1 
ATOM   387 S  SG  . CYS A 1 50 ? 5.689   -7.456 8.081   1.00 17.28 ? 280 CYS A SG  1 
HETATM 388 ZN ZN  . ZN  B 2 .  ? 4.598   -6.073 6.573   1.00 19.75 ? 1   ZN  A ZN  1 
HETATM 389 ZN ZN  . ZN  C 2 .  ? -7.032  1.558  1.116   1.00 13.68 ? 2   ZN  A ZN  1 
HETATM 390 C  C1  . PRB D 3 .  ? -5.046  2.261  -13.783 1.00 39.14 ? 3   PRB A C1  1 
HETATM 391 C  C2  . PRB D 3 .  ? -5.767  3.164  -13.024 1.00 40.13 ? 3   PRB A C2  1 
HETATM 392 C  C3  . PRB D 3 .  ? -4.917  3.745  -12.107 1.00 38.01 ? 3   PRB A C3  1 
HETATM 393 O  O3  . PRB D 3 .  ? -5.251  4.665  -11.341 1.00 39.73 ? 3   PRB A O3  1 
HETATM 394 C  C4  . PRB D 3 .  ? -3.485  3.274  -12.283 1.00 36.52 ? 3   PRB A C4  1 
HETATM 395 O  O4  . PRB D 3 .  ? -2.801  4.389  -12.857 1.00 36.10 ? 3   PRB A O4  1 
HETATM 396 C  C5  . PRB D 3 .  ? -2.860  2.852  -10.931 1.00 32.11 ? 3   PRB A C5  1 
HETATM 397 C  C6  . PRB D 3 .  ? -1.830  1.760  -10.939 1.00 29.38 ? 3   PRB A C6  1 
HETATM 398 C  C7  . PRB D 3 .  ? -1.087  1.428  -12.070 1.00 28.79 ? 3   PRB A C7  1 
HETATM 399 C  C8  . PRB D 3 .  ? -1.202  2.138  -13.405 1.00 32.12 ? 3   PRB A C8  1 
HETATM 400 C  C9  . PRB D 3 .  ? -2.467  1.817  -14.277 1.00 34.14 ? 3   PRB A C9  1 
HETATM 401 O  O9  . PRB D 3 .  ? -2.511  0.434  -14.607 1.00 36.99 ? 3   PRB A O9  1 
HETATM 402 C  C10 . PRB D 3 .  ? -3.676  2.020  -13.193 1.00 37.18 ? 3   PRB A C10 1 
HETATM 403 C  C11 . PRB D 3 .  ? -2.379  2.725  -15.576 1.00 35.10 ? 3   PRB A C11 1 
HETATM 404 C  C12 . PRB D 3 .  ? -1.177  2.284  -16.434 1.00 34.19 ? 3   PRB A C12 1 
HETATM 405 O  O12 . PRB D 3 .  ? -0.758  3.313  -17.326 1.00 33.08 ? 3   PRB A O12 1 
HETATM 406 C  C13 . PRB D 3 .  ? 0.094   1.889  -15.651 1.00 35.63 ? 3   PRB A C13 1 
HETATM 407 C  C14 . PRB D 3 .  ? 0.196   1.919  -14.092 1.00 32.51 ? 3   PRB A C14 1 
HETATM 408 C  C15 . PRB D 3 .  ? 1.123   2.768  -14.863 1.00 34.07 ? 3   PRB A C15 1 
HETATM 409 C  C16 . PRB D 3 .  ? 0.891   4.263  -14.533 1.00 29.96 ? 3   PRB A C16 1 
HETATM 410 C  C17 . PRB D 3 .  ? 2.624   2.432  -14.917 1.00 30.56 ? 3   PRB A C17 1 
HETATM 411 C  C18 . PRB D 3 .  ? -3.578  2.747  -16.514 1.00 37.50 ? 3   PRB A C18 1 
HETATM 412 C  C19 . PRB D 3 .  ? -7.231  3.471  -13.192 1.00 38.39 ? 3   PRB A C19 1 
HETATM 413 C  C20 . PRB D 3 .  ? -1.516  1.048  -9.696  1.00 26.79 ? 3   PRB A C20 1 
HETATM 414 O  O20 . PRB D 3 .  ? -2.651  0.667  -8.920  1.00 16.40 ? 3   PRB A O20 1 
HETATM 415 O  OA1 . PRB D 3 .  ? 0.863   0.901  -16.346 1.00 38.43 ? 3   PRB A OA1 1 
HETATM 416 C  CA1 . PRB D 3 .  ? 0.315   -0.345 -16.820 1.00 41.35 ? 3   PRB A CA1 1 
HETATM 417 O  OA2 . PRB D 3 .  ? -0.764  -0.761 -16.365 1.00 37.45 ? 3   PRB A OA2 1 
HETATM 418 C  CA2 . PRB D 3 .  ? 1.027   -1.156 -17.895 1.00 41.34 ? 3   PRB A CA2 1 
# 
